data_8WD3
#
_entry.id   8WD3
#
_cell.length_a   51.641
_cell.length_b   97.111
_cell.length_c   141.083
_cell.angle_alpha   90.000
_cell.angle_beta   90.000
_cell.angle_gamma   90.000
#
_symmetry.space_group_name_H-M   'P 2 21 21'
#
loop_
_entity.id
_entity.type
_entity.pdbx_description
1 polymer 'Lysine-specific demethylase 4A'
2 non-polymer 'NICKEL (II) ION'
3 non-polymer 'ZINC ION'
4 water water
#
_entity_poly.entity_id   1
_entity_poly.type   'polypeptide(L)'
_entity_poly.pdbx_seq_one_letter_code
;MHHHHHHSSGVDLGTENLYFQSMASESETLNPSARIMTFYPTMEEFRNFSRYIAYIESQGAHRAGLAKVVPPKEWKPRAS
YDDIDDLVIPAPIQQLVTGQSGLFTQYNIQKKAMTVREFRKIANSDKYCTPRYSEFEELERKYWKNLTFNPPIYGADVNG
TLYEKHVDEWNIGRLRTILDLVEKESGITIEGVNTPYLYFGMWKTSFAWHTEDMDLYSINYLHFGEPKSWYSVPPEHGKR
LERLAKGFFPGSAQSCEAFLRHKMTLISPLMLKKYGIPFDKVTQEAGEFMITFPYGYHAGFNHGFNCAESTNFATRRWIE
YGKQAVLCSCRKDMVKISMDVFVRKFQPERYKLWKAGKDNTVIDHTLPTPEAAEFLKESEL
;
_entity_poly.pdbx_strand_id   A,B
#
loop_
_chem_comp.id
_chem_comp.type
_chem_comp.name
_chem_comp.formula
NI non-polymer 'NICKEL (II) ION' 'Ni 2'
ZN non-polymer 'ZINC ION' 'Zn 2'
#
# COMPACT_ATOMS: atom_id res chain seq x y z
N ASN A 31 6.41 13.62 11.52
CA ASN A 31 5.27 12.67 11.58
C ASN A 31 5.64 11.39 10.84
N PRO A 32 6.61 10.58 11.36
CA PRO A 32 7.12 9.42 10.62
C PRO A 32 6.08 8.34 10.39
N SER A 33 5.18 8.18 11.37
CA SER A 33 4.08 7.23 11.26
C SER A 33 3.01 7.73 10.28
N ALA A 34 3.02 9.02 9.96
CA ALA A 34 2.08 9.64 9.03
C ALA A 34 0.65 9.47 9.52
N ARG A 35 0.44 9.64 10.83
CA ARG A 35 -0.87 9.50 11.45
C ARG A 35 -1.63 10.83 11.36
N ILE A 36 -2.96 10.76 11.27
CA ILE A 36 -3.80 11.95 11.27
C ILE A 36 -3.58 12.69 12.59
N MET A 37 -3.49 14.02 12.53
CA MET A 37 -3.16 14.82 13.69
C MET A 37 -4.33 15.72 14.07
N THR A 38 -4.48 16.02 15.38
CA THR A 38 -5.53 16.87 15.91
C THR A 38 -4.94 18.02 16.73
N PHE A 39 -5.37 19.24 16.39
CA PHE A 39 -4.86 20.47 16.99
C PHE A 39 -6.01 21.24 17.63
N TYR A 40 -5.75 21.88 18.77
CA TYR A 40 -6.76 22.62 19.50
C TYR A 40 -6.29 24.05 19.72
N PRO A 41 -6.31 24.93 18.69
CA PRO A 41 -5.70 26.26 18.78
C PRO A 41 -6.39 27.17 19.78
N THR A 42 -5.61 28.08 20.38
CA THR A 42 -6.15 29.21 21.11
C THR A 42 -6.72 30.21 20.10
N MET A 43 -7.56 31.13 20.58
CA MET A 43 -8.18 32.10 19.69
C MET A 43 -7.10 32.92 18.99
N GLU A 44 -6.00 33.22 19.70
CA GLU A 44 -4.90 33.96 19.10
C GLU A 44 -4.30 33.13 17.97
N GLU A 45 -4.00 31.86 18.24
CA GLU A 45 -3.40 30.98 17.23
C GLU A 45 -4.32 30.80 16.04
N PHE A 46 -5.63 30.97 16.28
CA PHE A 46 -6.66 30.63 15.32
C PHE A 46 -6.86 31.72 14.28
N ARG A 47 -6.68 32.99 14.66
CA ARG A 47 -7.16 34.12 13.86
C ARG A 47 -6.66 34.05 12.42
N ASN A 48 -5.40 33.67 12.22
CA ASN A 48 -4.80 33.63 10.89
C ASN A 48 -4.81 32.21 10.35
N PHE A 49 -5.62 32.00 9.30
CA PHE A 49 -5.77 30.70 8.67
C PHE A 49 -4.43 30.25 8.08
N SER A 50 -3.96 30.98 7.05
CA SER A 50 -2.76 30.62 6.33
C SER A 50 -1.64 30.25 7.31
N ARG A 51 -1.51 31.06 8.37
CA ARG A 51 -0.46 30.89 9.35
C ARG A 51 -0.66 29.60 10.14
N TYR A 52 -1.89 29.34 10.61
CA TYR A 52 -2.14 28.16 11.41
C TYR A 52 -1.90 26.90 10.56
N ILE A 53 -2.24 26.97 9.27
CA ILE A 53 -1.98 25.89 8.35
C ILE A 53 -0.47 25.64 8.27
N ALA A 54 0.31 26.71 8.11
CA ALA A 54 1.76 26.58 8.07
C ALA A 54 2.26 25.89 9.35
N TYR A 55 1.71 26.33 10.49
CA TYR A 55 2.10 25.77 11.78
C TYR A 55 1.86 24.27 11.80
N ILE A 56 0.65 23.83 11.44
CA ILE A 56 0.32 22.41 11.52
C ILE A 56 1.22 21.65 10.55
N GLU A 57 1.58 22.28 9.43
CA GLU A 57 2.50 21.66 8.49
C GLU A 57 3.89 21.55 9.11
N SER A 58 4.23 22.49 10.00
CA SER A 58 5.51 22.46 10.70
C SER A 58 5.56 21.28 11.68
N GLN A 59 4.42 20.68 12.00
CA GLN A 59 4.36 19.56 12.94
C GLN A 59 4.28 18.23 12.20
N GLY A 60 4.18 18.26 10.86
CA GLY A 60 4.13 17.05 10.06
C GLY A 60 2.69 16.54 9.84
N ALA A 61 1.70 17.42 10.08
CA ALA A 61 0.29 17.08 9.94
C ALA A 61 -0.01 16.62 8.50
N HIS A 62 0.67 17.26 7.54
CA HIS A 62 0.48 17.03 6.11
C HIS A 62 0.84 15.60 5.71
N ARG A 63 1.70 14.93 6.49
CA ARG A 63 2.19 13.60 6.11
C ARG A 63 1.06 12.57 6.13
N ALA A 64 0.06 12.76 7.00
CA ALA A 64 -1.11 11.90 7.04
C ALA A 64 -2.01 12.14 5.83
N GLY A 65 -2.00 13.36 5.29
CA GLY A 65 -2.84 13.75 4.17
C GLY A 65 -4.14 14.42 4.59
N LEU A 66 -4.34 14.47 5.91
CA LEU A 66 -5.59 14.91 6.51
C LEU A 66 -5.36 15.24 7.98
N ALA A 67 -6.11 16.22 8.51
CA ALA A 67 -5.87 16.66 9.89
C ALA A 67 -7.08 17.40 10.43
N LYS A 68 -7.20 17.46 11.76
CA LYS A 68 -8.36 18.06 12.41
C LYS A 68 -7.96 19.27 13.24
N VAL A 69 -8.76 20.33 13.14
CA VAL A 69 -8.57 21.51 13.94
C VAL A 69 -9.84 21.75 14.73
N VAL A 70 -9.71 21.75 16.06
CA VAL A 70 -10.81 21.97 16.97
C VAL A 70 -10.83 23.45 17.32
N PRO A 71 -11.74 24.26 16.73
CA PRO A 71 -11.71 25.69 16.93
C PRO A 71 -12.06 26.04 18.37
N PRO A 72 -11.56 27.16 18.91
CA PRO A 72 -11.76 27.49 20.32
C PRO A 72 -13.23 27.55 20.70
N LYS A 73 -13.49 27.29 21.99
CA LYS A 73 -14.83 27.26 22.54
C LYS A 73 -15.62 28.50 22.12
N GLU A 74 -14.99 29.68 22.19
CA GLU A 74 -15.68 30.94 21.97
C GLU A 74 -16.14 31.07 20.51
N TRP A 75 -15.33 30.54 19.58
CA TRP A 75 -15.53 30.77 18.16
C TRP A 75 -16.79 30.06 17.68
N LYS A 76 -17.64 30.79 16.95
CA LYS A 76 -18.84 30.23 16.32
C LYS A 76 -19.14 31.00 15.04
N PRO A 77 -19.29 30.31 13.87
CA PRO A 77 -19.44 31.01 12.58
C PRO A 77 -20.84 31.57 12.34
N ARG A 78 -21.77 31.20 13.22
CA ARG A 78 -23.17 31.60 13.13
C ARG A 78 -23.79 31.48 14.51
N ALA A 79 -24.86 32.26 14.74
CA ALA A 79 -25.58 32.23 16.01
C ALA A 79 -26.33 30.92 16.14
N SER A 80 -27.36 30.72 15.30
CA SER A 80 -28.18 29.51 15.33
C SER A 80 -28.70 29.20 13.92
N TYR A 81 -28.86 27.90 13.64
CA TYR A 81 -29.19 27.39 12.33
C TYR A 81 -30.68 27.08 12.20
N ASP A 82 -31.53 28.01 12.66
CA ASP A 82 -32.95 27.76 12.84
C ASP A 82 -33.75 28.09 11.58
N ASP A 83 -33.19 28.94 10.71
CA ASP A 83 -33.95 29.69 9.73
C ASP A 83 -33.75 29.13 8.32
N ILE A 84 -33.05 28.00 8.19
CA ILE A 84 -32.46 27.55 6.94
C ILE A 84 -33.30 26.45 6.27
N ASP A 85 -34.41 26.07 6.90
CA ASP A 85 -35.27 25.02 6.37
C ASP A 85 -35.72 25.36 4.94
N ASP A 86 -35.85 26.66 4.64
CA ASP A 86 -36.32 27.14 3.35
C ASP A 86 -35.24 27.03 2.28
N LEU A 87 -34.02 26.64 2.66
CA LEU A 87 -32.94 26.58 1.68
C LEU A 87 -33.24 25.48 0.67
N VAL A 88 -32.85 25.74 -0.58
CA VAL A 88 -33.19 24.91 -1.71
C VAL A 88 -31.97 24.08 -2.10
N ILE A 89 -32.15 22.76 -2.17
CA ILE A 89 -31.14 21.89 -2.76
C ILE A 89 -31.56 21.67 -4.21
N PRO A 90 -30.89 22.34 -5.19
CA PRO A 90 -31.32 22.28 -6.59
C PRO A 90 -31.21 20.90 -7.25
N ALA A 91 -30.13 20.16 -6.94
CA ALA A 91 -29.86 18.92 -7.63
C ALA A 91 -29.36 17.87 -6.65
N PRO A 92 -30.22 17.31 -5.77
CA PRO A 92 -29.83 16.21 -4.90
C PRO A 92 -29.43 15.01 -5.75
N ILE A 93 -28.59 14.14 -5.17
CA ILE A 93 -28.09 12.98 -5.89
C ILE A 93 -28.36 11.72 -5.08
N GLN A 94 -29.16 10.83 -5.66
CA GLN A 94 -29.36 9.50 -5.11
C GLN A 94 -28.10 8.68 -5.36
N GLN A 95 -27.52 8.19 -4.26
CA GLN A 95 -26.28 7.44 -4.30
C GLN A 95 -26.59 5.96 -4.47
N LEU A 96 -26.31 5.48 -5.67
CA LEU A 96 -26.44 4.07 -5.99
C LEU A 96 -25.06 3.45 -5.97
N VAL A 97 -24.92 2.37 -5.19
CA VAL A 97 -23.64 1.71 -5.02
C VAL A 97 -23.71 0.31 -5.59
N THR A 98 -22.87 0.07 -6.61
CA THR A 98 -22.79 -1.21 -7.29
C THR A 98 -21.52 -1.93 -6.91
N GLY A 99 -21.64 -3.22 -6.57
CA GLY A 99 -20.47 -4.07 -6.37
C GLY A 99 -20.59 -4.98 -5.15
N GLN A 100 -19.41 -5.43 -4.68
CA GLN A 100 -19.30 -6.37 -3.56
C GLN A 100 -17.83 -6.59 -3.20
N SER A 101 -17.61 -7.37 -2.13
CA SER A 101 -16.28 -7.79 -1.73
C SER A 101 -15.35 -6.58 -1.58
N GLY A 102 -15.86 -5.52 -0.94
CA GLY A 102 -15.04 -4.37 -0.58
C GLY A 102 -14.71 -3.43 -1.75
N LEU A 103 -15.21 -3.74 -2.95
CA LEU A 103 -15.00 -2.88 -4.11
C LEU A 103 -16.36 -2.44 -4.64
N PHE A 104 -16.55 -1.13 -4.76
CA PHE A 104 -17.83 -0.62 -5.21
C PHE A 104 -17.64 0.59 -6.12
N THR A 105 -18.66 0.80 -6.97
CA THR A 105 -18.74 1.95 -7.85
C THR A 105 -20.02 2.69 -7.51
N GLN A 106 -19.89 4.00 -7.35
CA GLN A 106 -21.01 4.81 -6.90
C GLN A 106 -21.52 5.64 -8.06
N TYR A 107 -22.76 5.38 -8.46
CA TYR A 107 -23.44 6.19 -9.46
C TYR A 107 -24.37 7.15 -8.74
N ASN A 108 -24.14 8.45 -9.01
CA ASN A 108 -24.89 9.51 -8.37
C ASN A 108 -25.94 10.00 -9.37
N ILE A 109 -27.21 9.92 -8.95
CA ILE A 109 -28.32 10.16 -9.87
C ILE A 109 -29.02 11.45 -9.46
N GLN A 110 -29.01 12.42 -10.39
CA GLN A 110 -29.56 13.73 -10.11
C GLN A 110 -31.07 13.64 -10.02
N LYS A 111 -31.57 13.72 -8.78
CA LYS A 111 -32.99 13.84 -8.52
C LYS A 111 -33.39 15.30 -8.70
N LYS A 112 -34.69 15.53 -8.88
CA LYS A 112 -35.20 16.88 -8.94
C LYS A 112 -34.95 17.58 -7.60
N ALA A 113 -35.14 18.89 -7.61
CA ALA A 113 -34.84 19.72 -6.45
C ALA A 113 -35.78 19.40 -5.29
N MET A 114 -35.34 19.77 -4.10
CA MET A 114 -36.17 19.72 -2.91
C MET A 114 -35.58 20.65 -1.86
N THR A 115 -36.42 21.04 -0.90
CA THR A 115 -36.03 21.98 0.15
C THR A 115 -35.32 21.23 1.26
N VAL A 116 -34.64 21.99 2.12
CA VAL A 116 -33.93 21.44 3.27
C VAL A 116 -34.95 20.84 4.22
N ARG A 117 -36.11 21.49 4.35
CA ARG A 117 -37.24 20.92 5.07
C ARG A 117 -37.49 19.49 4.55
N GLU A 118 -37.65 19.38 3.23
CA GLU A 118 -38.01 18.12 2.59
C GLU A 118 -36.88 17.09 2.79
N PHE A 119 -35.63 17.51 2.59
CA PHE A 119 -34.51 16.60 2.78
C PHE A 119 -34.44 16.11 4.22
N ARG A 120 -34.58 17.03 5.18
CA ARG A 120 -34.49 16.72 6.60
C ARG A 120 -35.48 15.60 6.96
N LYS A 121 -36.74 15.76 6.55
CA LYS A 121 -37.79 14.76 6.79
C LYS A 121 -37.32 13.38 6.32
N ILE A 122 -36.80 13.32 5.08
CA ILE A 122 -36.37 12.07 4.47
C ILE A 122 -35.19 11.48 5.24
N ALA A 123 -34.25 12.34 5.62
CA ALA A 123 -33.06 11.90 6.34
C ALA A 123 -33.46 11.12 7.59
N ASN A 124 -34.39 11.69 8.37
CA ASN A 124 -34.74 11.16 9.68
C ASN A 124 -35.77 10.05 9.57
N SER A 125 -36.34 9.84 8.37
CA SER A 125 -37.36 8.82 8.18
C SER A 125 -36.83 7.48 8.69
N ASP A 126 -37.76 6.61 9.09
CA ASP A 126 -37.38 5.36 9.76
C ASP A 126 -36.64 4.46 8.78
N LYS A 127 -36.94 4.60 7.48
CA LYS A 127 -36.22 3.91 6.42
C LYS A 127 -34.76 4.31 6.38
N TYR A 128 -34.51 5.63 6.40
CA TYR A 128 -33.19 6.19 6.16
C TYR A 128 -32.46 6.50 7.48
N CYS A 129 -33.18 6.55 8.60
CA CYS A 129 -32.56 6.90 9.87
C CYS A 129 -31.34 5.99 10.12
N THR A 130 -30.32 6.59 10.72
CA THR A 130 -29.12 5.92 11.15
C THR A 130 -29.45 4.71 12.03
N PRO A 131 -28.71 3.59 11.92
CA PRO A 131 -28.84 2.48 12.87
C PRO A 131 -28.25 2.78 14.25
N ARG A 132 -28.59 1.92 15.21
CA ARG A 132 -28.17 2.07 16.60
C ARG A 132 -26.78 1.48 16.77
N TYR A 133 -25.91 2.20 17.49
CA TYR A 133 -24.56 1.75 17.76
C TYR A 133 -23.99 2.44 19.00
N SER A 134 -22.94 1.84 19.57
CA SER A 134 -22.31 2.29 20.80
C SER A 134 -20.97 2.98 20.50
N GLU A 135 -20.18 2.34 19.62
CA GLU A 135 -18.88 2.84 19.22
C GLU A 135 -18.83 2.86 17.69
N PHE A 136 -18.06 3.82 17.16
CA PHE A 136 -17.86 4.02 15.72
C PHE A 136 -17.66 2.68 15.01
N GLU A 137 -16.72 1.88 15.53
CA GLU A 137 -16.41 0.57 15.00
C GLU A 137 -17.69 -0.11 14.47
N GLU A 138 -18.70 -0.19 15.35
CA GLU A 138 -19.96 -0.88 15.06
C GLU A 138 -20.59 -0.27 13.80
N LEU A 139 -20.72 1.06 13.77
CA LEU A 139 -21.41 1.74 12.69
C LEU A 139 -20.68 1.57 11.37
N GLU A 140 -19.35 1.52 11.45
CA GLU A 140 -18.48 1.37 10.27
C GLU A 140 -18.82 0.04 9.58
N ARG A 141 -18.74 -1.06 10.34
CA ARG A 141 -19.08 -2.37 9.81
C ARG A 141 -20.43 -2.28 9.09
N LYS A 142 -21.41 -1.72 9.80
CA LYS A 142 -22.77 -1.59 9.28
C LYS A 142 -22.72 -0.90 7.91
N TYR A 143 -21.99 0.21 7.84
CA TYR A 143 -21.89 1.01 6.62
C TYR A 143 -21.36 0.15 5.48
N TRP A 144 -20.29 -0.61 5.75
CA TRP A 144 -19.59 -1.34 4.69
C TRP A 144 -20.34 -2.62 4.30
N LYS A 145 -21.36 -2.98 5.09
CA LYS A 145 -22.19 -4.15 4.81
C LYS A 145 -23.44 -3.75 4.02
N ASN A 146 -24.04 -2.61 4.35
CA ASN A 146 -25.36 -2.27 3.84
C ASN A 146 -25.36 -1.12 2.83
N LEU A 147 -24.20 -0.73 2.27
CA LEU A 147 -24.16 0.50 1.49
C LEU A 147 -24.76 0.28 0.09
N THR A 148 -24.94 -0.99 -0.30
CA THR A 148 -25.61 -1.31 -1.55
C THR A 148 -27.13 -1.31 -1.33
N PHE A 149 -27.57 -1.55 -0.10
CA PHE A 149 -29.00 -1.61 0.19
C PHE A 149 -29.47 -0.23 0.64
N ASN A 150 -30.64 0.20 0.13
CA ASN A 150 -31.30 1.40 0.61
C ASN A 150 -30.55 2.63 0.14
N PRO A 151 -30.55 2.93 -1.19
CA PRO A 151 -29.82 4.07 -1.74
C PRO A 151 -30.18 5.39 -1.06
N PRO A 152 -29.20 6.08 -0.45
CA PRO A 152 -29.43 7.39 0.15
C PRO A 152 -29.36 8.52 -0.85
N ILE A 153 -29.92 9.67 -0.48
CA ILE A 153 -29.79 10.88 -1.26
C ILE A 153 -28.81 11.78 -0.51
N TYR A 154 -27.99 12.54 -1.25
CA TYR A 154 -27.02 13.41 -0.62
C TYR A 154 -27.21 14.83 -1.15
N GLY A 155 -27.58 15.75 -0.24
CA GLY A 155 -27.76 17.15 -0.57
C GLY A 155 -26.43 17.87 -0.69
N ALA A 156 -25.73 17.60 -1.80
CA ALA A 156 -24.36 18.04 -2.01
C ALA A 156 -24.30 19.18 -3.02
N ASP A 157 -23.11 19.80 -3.13
CA ASP A 157 -22.82 20.79 -4.16
C ASP A 157 -23.81 21.94 -4.09
N VAL A 158 -24.14 22.36 -2.85
CA VAL A 158 -25.10 23.43 -2.62
C VAL A 158 -24.32 24.74 -2.45
N ASN A 159 -24.31 25.54 -3.52
CA ASN A 159 -23.59 26.81 -3.53
C ASN A 159 -24.10 27.69 -2.40
N GLY A 160 -23.19 28.13 -1.52
CA GLY A 160 -23.55 29.00 -0.42
C GLY A 160 -22.71 28.78 0.83
N THR A 161 -22.96 29.63 1.84
CA THR A 161 -22.23 29.61 3.10
C THR A 161 -23.20 29.88 4.25
N LEU A 162 -22.94 29.24 5.40
CA LEU A 162 -23.73 29.45 6.60
C LEU A 162 -22.99 30.34 7.59
N TYR A 163 -21.84 30.89 7.19
CA TYR A 163 -21.09 31.82 8.02
C TYR A 163 -21.82 33.16 8.07
N GLU A 164 -21.64 33.91 9.17
CA GLU A 164 -22.18 35.25 9.29
C GLU A 164 -21.16 36.26 8.74
N LYS A 165 -21.68 37.40 8.25
CA LYS A 165 -20.90 38.36 7.47
C LYS A 165 -19.70 38.87 8.27
N HIS A 166 -19.89 39.04 9.58
CA HIS A 166 -18.90 39.69 10.44
C HIS A 166 -17.76 38.74 10.82
N VAL A 167 -17.96 37.42 10.65
CA VAL A 167 -16.97 36.44 11.09
C VAL A 167 -15.79 36.42 10.12
N ASP A 168 -14.61 36.84 10.59
CA ASP A 168 -13.43 36.96 9.74
C ASP A 168 -12.56 35.71 9.89
N GLU A 169 -12.76 34.95 10.99
CA GLU A 169 -11.86 33.86 11.35
C GLU A 169 -12.28 32.57 10.64
N TRP A 170 -11.40 32.09 9.73
CA TRP A 170 -11.60 30.83 9.03
C TRP A 170 -12.92 30.85 8.26
N ASN A 171 -13.22 32.01 7.67
CA ASN A 171 -14.42 32.18 6.87
C ASN A 171 -14.19 31.49 5.52
N ILE A 172 -14.81 30.32 5.37
CA ILE A 172 -14.63 29.48 4.19
C ILE A 172 -15.00 30.28 2.93
N GLY A 173 -15.97 31.19 3.05
CA GLY A 173 -16.36 32.08 1.97
C GLY A 173 -15.19 32.89 1.41
N ARG A 174 -14.32 33.39 2.31
CA ARG A 174 -13.28 34.34 1.94
C ARG A 174 -12.00 34.07 2.73
N LEU A 175 -11.39 32.90 2.52
CA LEU A 175 -10.19 32.49 3.24
C LEU A 175 -8.98 33.32 2.82
N ARG A 176 -8.99 33.80 1.57
CA ARG A 176 -7.95 34.64 1.01
C ARG A 176 -6.64 33.86 1.00
N THR A 177 -6.56 32.85 0.13
CA THR A 177 -5.32 32.13 -0.14
C THR A 177 -4.75 32.54 -1.49
N ILE A 178 -3.58 31.99 -1.83
CA ILE A 178 -2.93 32.32 -3.08
C ILE A 178 -3.73 31.73 -4.24
N LEU A 179 -4.74 30.91 -3.91
CA LEU A 179 -5.67 30.42 -4.91
C LEU A 179 -6.48 31.59 -5.49
N ASP A 180 -6.68 32.62 -4.68
CA ASP A 180 -7.44 33.79 -5.09
C ASP A 180 -6.86 34.42 -6.36
N LEU A 181 -5.64 34.03 -6.75
CA LEU A 181 -5.02 34.54 -7.97
C LEU A 181 -5.79 34.12 -9.21
N VAL A 182 -6.42 32.94 -9.17
CA VAL A 182 -7.17 32.46 -10.32
C VAL A 182 -8.31 33.43 -10.60
N GLU A 183 -9.12 33.69 -9.56
CA GLU A 183 -10.25 34.61 -9.62
C GLU A 183 -9.75 36.02 -9.90
N LYS A 184 -8.66 36.40 -9.22
CA LYS A 184 -8.19 37.78 -9.15
C LYS A 184 -7.61 38.20 -10.50
N GLU A 185 -6.97 37.26 -11.20
CA GLU A 185 -6.22 37.60 -12.39
C GLU A 185 -7.02 37.28 -13.66
N SER A 186 -7.89 36.27 -13.57
CA SER A 186 -8.66 35.87 -14.74
C SER A 186 -10.09 36.40 -14.67
N GLY A 187 -10.60 36.66 -13.46
CA GLY A 187 -12.01 36.95 -13.26
C GLY A 187 -12.88 35.69 -13.39
N ILE A 188 -12.30 34.54 -13.02
CA ILE A 188 -12.96 33.24 -13.16
C ILE A 188 -13.39 32.75 -11.77
N THR A 189 -14.72 32.63 -11.56
CA THR A 189 -15.26 32.03 -10.36
C THR A 189 -15.55 30.55 -10.63
N ILE A 190 -15.01 29.69 -9.76
CA ILE A 190 -15.14 28.25 -9.88
C ILE A 190 -15.85 27.74 -8.63
N GLU A 191 -17.13 27.38 -8.81
CA GLU A 191 -17.99 26.98 -7.70
C GLU A 191 -17.41 25.77 -6.98
N GLY A 192 -17.34 25.88 -5.65
CA GLY A 192 -16.82 24.80 -4.81
C GLY A 192 -15.29 24.84 -4.68
N VAL A 193 -14.62 25.51 -5.63
CA VAL A 193 -13.16 25.57 -5.68
C VAL A 193 -12.70 26.79 -4.87
N ASN A 194 -13.10 27.98 -5.34
CA ASN A 194 -12.78 29.23 -4.66
C ASN A 194 -14.02 29.83 -4.00
N THR A 195 -15.19 29.19 -4.20
CA THR A 195 -16.43 29.62 -3.56
C THR A 195 -16.96 28.48 -2.69
N PRO A 196 -17.80 28.75 -1.67
CA PRO A 196 -18.24 27.73 -0.72
C PRO A 196 -19.41 26.84 -1.16
N TYR A 197 -19.32 25.57 -0.75
CA TYR A 197 -20.36 24.57 -0.98
C TYR A 197 -20.95 24.12 0.36
N LEU A 198 -22.24 23.73 0.32
CA LEU A 198 -22.93 23.13 1.45
C LEU A 198 -23.29 21.69 1.13
N TYR A 199 -23.16 20.82 2.15
CA TYR A 199 -23.27 19.38 2.00
C TYR A 199 -24.12 18.81 3.12
N PHE A 200 -25.42 18.62 2.81
CA PHE A 200 -26.41 18.03 3.71
C PHE A 200 -26.45 16.51 3.56
N GLY A 201 -25.87 15.80 4.54
CA GLY A 201 -25.72 14.35 4.47
C GLY A 201 -26.78 13.62 5.30
N MET A 202 -27.03 12.34 4.93
CA MET A 202 -27.79 11.43 5.77
C MET A 202 -26.96 10.16 5.98
N TRP A 203 -27.52 9.22 6.75
CA TRP A 203 -26.84 7.95 7.00
C TRP A 203 -26.44 7.31 5.69
N LYS A 204 -25.16 6.93 5.59
CA LYS A 204 -24.63 6.09 4.53
C LYS A 204 -24.28 6.90 3.29
N THR A 205 -24.62 8.20 3.23
CA THR A 205 -24.14 9.02 2.13
C THR A 205 -22.61 9.06 2.18
N SER A 206 -21.99 8.79 1.03
CA SER A 206 -20.58 8.48 0.94
C SER A 206 -19.91 9.42 -0.05
N PHE A 207 -18.65 9.73 0.22
CA PHE A 207 -17.79 10.33 -0.78
C PHE A 207 -16.68 9.32 -1.09
N ALA A 208 -16.50 9.10 -2.39
CA ALA A 208 -15.58 8.10 -2.92
C ALA A 208 -14.14 8.60 -2.79
N TRP A 209 -13.19 7.66 -2.74
CA TRP A 209 -11.78 8.04 -2.66
C TRP A 209 -11.46 9.11 -3.69
N HIS A 210 -10.88 10.23 -3.25
CA HIS A 210 -10.50 11.31 -4.15
C HIS A 210 -9.33 12.10 -3.59
N THR A 211 -8.66 12.83 -4.49
CA THR A 211 -7.92 14.03 -4.16
C THR A 211 -8.71 15.20 -4.73
N GLU A 212 -8.53 16.37 -4.14
CA GLU A 212 -9.31 17.52 -4.56
C GLU A 212 -8.89 17.84 -5.99
N ASP A 213 -9.68 18.68 -6.66
CA ASP A 213 -9.38 19.11 -8.02
C ASP A 213 -8.04 19.85 -8.00
N MET A 214 -7.18 19.54 -9.00
CA MET A 214 -5.84 20.07 -9.11
C MET A 214 -5.03 19.73 -7.85
N ASP A 215 -5.39 18.64 -7.14
CA ASP A 215 -4.69 18.19 -5.94
C ASP A 215 -4.54 19.34 -4.94
N LEU A 216 -5.53 20.23 -4.89
CA LEU A 216 -5.51 21.35 -3.98
C LEU A 216 -5.70 20.83 -2.56
N TYR A 217 -5.59 21.76 -1.60
CA TYR A 217 -6.03 21.51 -0.24
C TYR A 217 -7.55 21.63 -0.22
N SER A 218 -8.16 21.25 0.90
CA SER A 218 -9.53 21.66 1.15
C SER A 218 -9.78 21.75 2.66
N ILE A 219 -10.84 22.50 2.98
CA ILE A 219 -11.30 22.66 4.35
C ILE A 219 -12.77 22.23 4.40
N ASN A 220 -13.12 21.49 5.46
CA ASN A 220 -14.50 21.07 5.66
C ASN A 220 -14.91 21.36 7.10
N TYR A 221 -16.01 22.12 7.26
CA TYR A 221 -16.53 22.45 8.57
C TYR A 221 -17.93 21.85 8.75
N LEU A 222 -18.04 20.93 9.70
CA LEU A 222 -19.31 20.31 10.04
C LEU A 222 -20.14 21.26 10.91
N HIS A 223 -20.94 22.11 10.24
CA HIS A 223 -21.73 23.12 10.90
C HIS A 223 -22.53 22.50 12.03
N PHE A 224 -23.26 21.43 11.72
CA PHE A 224 -24.20 20.84 12.66
C PHE A 224 -24.63 19.45 12.18
N GLY A 225 -25.29 18.73 13.10
CA GLY A 225 -25.80 17.40 12.81
C GLY A 225 -24.85 16.31 13.27
N GLU A 226 -25.12 15.09 12.79
CA GLU A 226 -24.40 13.90 13.19
C GLU A 226 -22.99 13.92 12.59
N PRO A 227 -22.08 13.09 13.13
CA PRO A 227 -20.70 13.06 12.63
C PRO A 227 -20.50 12.57 11.19
N LYS A 228 -19.24 12.64 10.75
CA LYS A 228 -18.81 12.21 9.43
C LYS A 228 -17.41 11.61 9.59
N SER A 229 -17.26 10.33 9.23
CA SER A 229 -15.98 9.67 9.38
C SER A 229 -15.14 9.83 8.11
N TRP A 230 -13.83 9.95 8.30
CA TRP A 230 -12.88 10.15 7.21
C TRP A 230 -11.84 9.04 7.22
N TYR A 231 -11.57 8.52 6.00
CA TYR A 231 -10.42 7.68 5.72
C TYR A 231 -9.37 8.48 4.94
N SER A 232 -8.09 8.13 5.13
CA SER A 232 -7.00 8.88 4.54
CA SER A 232 -7.00 8.88 4.54
C SER A 232 -5.86 7.94 4.15
N VAL A 233 -5.26 8.22 2.98
CA VAL A 233 -4.03 7.58 2.54
C VAL A 233 -2.97 8.68 2.47
N PRO A 234 -1.77 8.45 3.07
CA PRO A 234 -0.68 9.43 2.99
C PRO A 234 -0.41 9.86 1.56
N PRO A 235 -0.15 11.15 1.30
CA PRO A 235 0.28 11.57 -0.03
C PRO A 235 1.46 10.75 -0.56
N GLU A 236 2.41 10.45 0.34
CA GLU A 236 3.60 9.68 0.00
C GLU A 236 3.28 8.20 -0.18
N HIS A 237 1.98 7.84 -0.18
CA HIS A 237 1.53 6.51 -0.58
C HIS A 237 0.36 6.60 -1.56
N GLY A 238 0.13 7.79 -2.13
CA GLY A 238 -1.00 7.98 -3.03
C GLY A 238 -0.85 7.19 -4.33
N LYS A 239 0.38 7.12 -4.84
CA LYS A 239 0.64 6.40 -6.08
C LYS A 239 0.35 4.92 -5.86
N ARG A 240 0.55 4.46 -4.63
CA ARG A 240 0.32 3.07 -4.31
C ARG A 240 -1.17 2.74 -4.48
N LEU A 241 -2.02 3.64 -3.97
CA LEU A 241 -3.46 3.51 -4.05
C LEU A 241 -3.91 3.52 -5.52
N GLU A 242 -3.29 4.40 -6.32
CA GLU A 242 -3.60 4.51 -7.74
C GLU A 242 -3.26 3.20 -8.47
N ARG A 243 -2.10 2.60 -8.16
CA ARG A 243 -1.64 1.38 -8.81
C ARG A 243 -2.62 0.24 -8.53
N LEU A 244 -3.12 0.17 -7.29
CA LEU A 244 -4.06 -0.87 -6.89
C LEU A 244 -5.43 -0.64 -7.53
N ALA A 245 -5.90 0.61 -7.48
CA ALA A 245 -7.24 0.99 -7.95
C ALA A 245 -7.37 0.75 -9.45
N LYS A 246 -6.27 1.01 -10.17
CA LYS A 246 -6.17 0.76 -11.60
C LYS A 246 -6.40 -0.73 -11.87
N GLY A 247 -5.75 -1.60 -11.09
CA GLY A 247 -5.90 -3.04 -11.20
C GLY A 247 -7.33 -3.51 -10.98
N PHE A 248 -8.00 -2.90 -10.00
CA PHE A 248 -9.35 -3.27 -9.61
C PHE A 248 -10.38 -2.82 -10.64
N PHE A 249 -10.14 -1.65 -11.27
CA PHE A 249 -11.07 -1.11 -12.23
C PHE A 249 -10.30 -0.83 -13.53
N PRO A 250 -9.78 -1.88 -14.19
CA PRO A 250 -8.83 -1.70 -15.29
C PRO A 250 -9.48 -1.02 -16.49
N GLY A 251 -10.77 -1.32 -16.72
CA GLY A 251 -11.54 -0.67 -17.77
C GLY A 251 -11.59 0.84 -17.59
N SER A 252 -11.99 1.26 -16.37
CA SER A 252 -12.08 2.66 -16.00
C SER A 252 -10.76 3.37 -16.27
N ALA A 253 -9.66 2.72 -15.91
CA ALA A 253 -8.34 3.31 -16.02
C ALA A 253 -7.87 3.29 -17.49
N GLN A 254 -8.26 2.26 -18.25
CA GLN A 254 -7.91 2.16 -19.65
C GLN A 254 -8.60 3.27 -20.44
N SER A 255 -9.76 3.70 -19.94
CA SER A 255 -10.51 4.81 -20.53
C SER A 255 -9.89 6.15 -20.11
N CYS A 256 -9.81 6.35 -18.80
CA CYS A 256 -9.33 7.60 -18.23
C CYS A 256 -8.20 7.31 -17.25
N GLU A 257 -7.03 7.86 -17.56
CA GLU A 257 -5.85 7.65 -16.72
C GLU A 257 -6.18 8.03 -15.28
N ALA A 258 -6.97 9.11 -15.11
CA ALA A 258 -7.34 9.63 -13.80
C ALA A 258 -8.84 9.38 -13.54
N PHE A 259 -9.23 8.11 -13.54
CA PHE A 259 -10.62 7.73 -13.38
C PHE A 259 -11.11 7.99 -11.96
N LEU A 260 -10.19 8.12 -10.99
CA LEU A 260 -10.56 8.33 -9.60
C LEU A 260 -11.14 9.73 -9.41
N ARG A 261 -10.79 10.66 -10.32
CA ARG A 261 -11.29 12.03 -10.25
C ARG A 261 -12.79 12.06 -10.52
N HIS A 262 -13.35 10.94 -10.97
CA HIS A 262 -14.78 10.85 -11.20
C HIS A 262 -15.52 10.79 -9.87
N LYS A 263 -14.79 10.56 -8.77
CA LYS A 263 -15.35 10.55 -7.43
C LYS A 263 -16.45 9.50 -7.36
N MET A 264 -16.09 8.27 -7.77
CA MET A 264 -17.07 7.20 -7.91
C MET A 264 -16.57 5.89 -7.30
N THR A 265 -15.30 5.83 -6.88
CA THR A 265 -14.69 4.57 -6.49
C THR A 265 -14.76 4.42 -4.98
N LEU A 266 -15.32 3.31 -4.50
CA LEU A 266 -15.29 2.98 -3.08
C LEU A 266 -14.44 1.72 -2.89
N ILE A 267 -13.55 1.77 -1.89
CA ILE A 267 -12.74 0.62 -1.54
C ILE A 267 -12.74 0.45 -0.03
N SER A 268 -12.77 -0.81 0.44
CA SER A 268 -12.97 -1.12 1.84
C SER A 268 -11.68 -1.04 2.63
N PRO A 269 -11.74 -0.62 3.93
CA PRO A 269 -10.57 -0.69 4.80
C PRO A 269 -9.95 -2.08 4.84
N LEU A 270 -10.78 -3.13 4.86
CA LEU A 270 -10.26 -4.49 4.91
C LEU A 270 -9.58 -4.85 3.61
N MET A 271 -10.03 -4.20 2.52
CA MET A 271 -9.37 -4.34 1.23
C MET A 271 -7.96 -3.75 1.33
N LEU A 272 -7.89 -2.54 1.88
CA LEU A 272 -6.62 -1.85 2.01
C LEU A 272 -5.67 -2.67 2.88
N LYS A 273 -6.16 -3.26 3.97
CA LYS A 273 -5.30 -4.10 4.81
C LYS A 273 -4.82 -5.27 4.00
N LYS A 274 -5.72 -5.90 3.24
CA LYS A 274 -5.36 -7.06 2.44
C LYS A 274 -4.20 -6.71 1.50
N TYR A 275 -4.25 -5.51 0.92
CA TYR A 275 -3.32 -5.10 -0.11
C TYR A 275 -2.28 -4.13 0.44
N GLY A 276 -2.20 -4.01 1.77
CA GLY A 276 -1.12 -3.32 2.45
C GLY A 276 -0.99 -1.84 2.09
N ILE A 277 -2.11 -1.18 1.78
CA ILE A 277 -2.11 0.25 1.53
C ILE A 277 -2.20 0.96 2.88
N PRO A 278 -1.22 1.80 3.26
CA PRO A 278 -1.28 2.50 4.55
C PRO A 278 -2.45 3.48 4.59
N PHE A 279 -3.17 3.52 5.72
CA PHE A 279 -4.30 4.41 5.84
C PHE A 279 -4.66 4.63 7.30
N ASP A 280 -5.46 5.67 7.56
CA ASP A 280 -5.85 6.05 8.91
C ASP A 280 -7.28 6.59 8.84
N LYS A 281 -7.95 6.57 10.01
CA LYS A 281 -9.35 6.94 10.15
C LYS A 281 -9.48 8.06 11.18
N VAL A 282 -10.50 8.90 11.01
CA VAL A 282 -10.84 9.88 12.02
C VAL A 282 -12.31 10.23 11.86
N THR A 283 -12.97 10.56 12.99
CA THR A 283 -14.37 10.93 12.98
C THR A 283 -14.51 12.42 13.29
N GLN A 284 -15.05 13.18 12.31
CA GLN A 284 -15.32 14.59 12.46
C GLN A 284 -16.65 14.76 13.21
N GLU A 285 -16.61 15.45 14.35
CA GLU A 285 -17.78 15.82 15.13
C GLU A 285 -18.25 17.20 14.65
N ALA A 286 -19.50 17.52 14.96
CA ALA A 286 -20.06 18.81 14.58
C ALA A 286 -19.28 19.91 15.29
N GLY A 287 -18.91 20.95 14.53
CA GLY A 287 -18.17 22.07 15.07
C GLY A 287 -16.66 21.94 14.86
N GLU A 288 -16.20 20.84 14.25
CA GLU A 288 -14.78 20.61 14.05
C GLU A 288 -14.42 20.89 12.60
N PHE A 289 -13.14 21.25 12.39
CA PHE A 289 -12.60 21.47 11.06
C PHE A 289 -11.78 20.27 10.64
N MET A 290 -11.90 19.89 9.36
CA MET A 290 -11.04 18.90 8.73
C MET A 290 -10.31 19.54 7.55
N ILE A 291 -9.02 19.24 7.45
CA ILE A 291 -8.15 19.81 6.44
C ILE A 291 -7.53 18.67 5.63
N THR A 292 -7.67 18.75 4.31
CA THR A 292 -7.05 17.79 3.42
C THR A 292 -5.86 18.45 2.73
N PHE A 293 -4.79 17.67 2.54
CA PHE A 293 -3.57 18.22 2.01
C PHE A 293 -3.40 17.83 0.54
N PRO A 294 -2.54 18.53 -0.22
CA PRO A 294 -2.32 18.19 -1.62
C PRO A 294 -2.03 16.71 -1.77
N TYR A 295 -2.66 16.09 -2.77
CA TYR A 295 -2.44 14.70 -3.11
C TYR A 295 -2.66 13.80 -1.90
N GLY A 296 -3.48 14.25 -0.93
CA GLY A 296 -3.89 13.40 0.17
C GLY A 296 -5.25 12.78 -0.11
N TYR A 297 -5.24 11.49 -0.45
CA TYR A 297 -6.46 10.77 -0.80
C TYR A 297 -7.33 10.66 0.44
N HIS A 298 -8.61 11.02 0.30
CA HIS A 298 -9.58 10.92 1.37
C HIS A 298 -10.91 10.35 0.86
N ALA A 299 -11.63 9.71 1.79
CA ALA A 299 -12.98 9.21 1.59
C ALA A 299 -13.69 9.17 2.94
N GLY A 300 -14.99 8.89 2.94
CA GLY A 300 -15.74 8.86 4.19
C GLY A 300 -17.24 8.74 3.97
N PHE A 301 -17.98 8.77 5.09
CA PHE A 301 -19.42 8.63 5.07
C PHE A 301 -20.03 9.40 6.23
N ASN A 302 -21.24 9.91 6.02
CA ASN A 302 -21.97 10.66 7.02
C ASN A 302 -22.70 9.68 7.94
N HIS A 303 -22.72 9.98 9.24
CA HIS A 303 -23.39 9.14 10.22
C HIS A 303 -24.90 9.37 10.19
N GLY A 304 -25.33 10.64 10.13
CA GLY A 304 -26.74 10.97 10.00
C GLY A 304 -26.94 12.33 9.33
N PHE A 305 -28.17 12.86 9.42
CA PHE A 305 -28.48 14.18 8.92
C PHE A 305 -27.48 15.18 9.48
N ASN A 306 -26.76 15.90 8.59
CA ASN A 306 -25.78 16.89 8.98
C ASN A 306 -25.59 17.90 7.86
N CYS A 307 -24.94 19.03 8.18
CA CYS A 307 -24.60 20.03 7.19
C CYS A 307 -23.12 20.35 7.32
N ALA A 308 -22.41 20.22 6.19
CA ALA A 308 -20.98 20.51 6.12
C ALA A 308 -20.76 21.59 5.07
N GLU A 309 -19.82 22.50 5.35
CA GLU A 309 -19.44 23.55 4.40
C GLU A 309 -18.00 23.32 3.98
N SER A 310 -17.71 23.59 2.70
CA SER A 310 -16.45 23.21 2.10
C SER A 310 -16.02 24.20 1.04
N THR A 311 -14.70 24.24 0.78
CA THR A 311 -14.11 24.78 -0.44
C THR A 311 -12.63 24.42 -0.47
N ASN A 312 -11.97 24.66 -1.62
CA ASN A 312 -10.55 24.37 -1.81
C ASN A 312 -9.68 25.60 -1.47
N PHE A 313 -8.39 25.37 -1.15
CA PHE A 313 -7.45 26.46 -0.89
C PHE A 313 -6.02 26.03 -1.22
N ALA A 314 -5.08 26.97 -1.14
CA ALA A 314 -3.73 26.74 -1.62
C ALA A 314 -2.68 27.36 -0.68
N THR A 315 -1.47 26.79 -0.71
CA THR A 315 -0.28 27.37 -0.11
C THR A 315 0.82 27.39 -1.18
N ARG A 316 1.93 28.07 -0.91
CA ARG A 316 3.02 28.11 -1.87
C ARG A 316 3.37 26.69 -2.31
N ARG A 317 3.41 25.77 -1.34
CA ARG A 317 3.88 24.42 -1.60
C ARG A 317 3.05 23.77 -2.70
N TRP A 318 1.75 24.07 -2.75
CA TRP A 318 0.83 23.40 -3.65
C TRP A 318 1.24 23.56 -5.11
N ILE A 319 1.77 24.75 -5.45
CA ILE A 319 1.93 25.15 -6.84
C ILE A 319 2.55 24.03 -7.66
N GLU A 320 3.56 23.35 -7.09
CA GLU A 320 4.25 22.26 -7.77
C GLU A 320 3.28 21.08 -7.97
N TYR A 321 2.46 20.81 -6.96
CA TYR A 321 1.43 19.78 -7.09
C TYR A 321 0.54 20.12 -8.27
N GLY A 322 0.10 21.40 -8.33
CA GLY A 322 -0.73 21.92 -9.39
C GLY A 322 -0.13 21.71 -10.77
N LYS A 323 1.19 21.95 -10.88
CA LYS A 323 1.91 21.73 -12.13
C LYS A 323 1.84 20.26 -12.53
N GLN A 324 2.01 19.35 -11.55
CA GLN A 324 2.25 17.94 -11.85
C GLN A 324 0.99 17.08 -11.70
N ALA A 325 -0.20 17.69 -11.62
CA ALA A 325 -1.44 16.97 -11.32
C ALA A 325 -1.93 16.24 -12.57
N VAL A 326 -2.56 15.07 -12.36
CA VAL A 326 -3.03 14.25 -13.46
C VAL A 326 -4.53 14.46 -13.61
N LEU A 327 -4.90 15.18 -14.67
CA LEU A 327 -6.26 15.68 -14.86
C LEU A 327 -7.12 14.66 -15.59
N CYS A 328 -8.44 14.80 -15.41
CA CYS A 328 -9.39 14.07 -16.22
C CYS A 328 -9.43 14.69 -17.61
N SER A 329 -9.16 13.87 -18.63
CA SER A 329 -9.25 14.29 -20.01
C SER A 329 -10.56 13.79 -20.64
N CYS A 330 -11.15 12.76 -20.02
CA CYS A 330 -12.17 11.93 -20.66
C CYS A 330 -13.54 12.60 -20.59
N ARG A 331 -13.73 13.47 -19.59
CA ARG A 331 -14.91 14.30 -19.50
C ARG A 331 -14.49 15.74 -19.73
N LYS A 332 -15.23 16.45 -20.59
CA LYS A 332 -15.03 17.88 -20.76
C LYS A 332 -15.63 18.58 -19.54
N ASP A 333 -15.23 19.83 -19.32
CA ASP A 333 -15.99 20.71 -18.44
C ASP A 333 -15.64 20.41 -16.97
N LYS A 336 -9.72 22.43 -14.55
CA LYS A 336 -8.39 22.81 -15.11
C LYS A 336 -8.06 24.25 -14.73
N ILE A 337 -6.94 24.43 -14.02
CA ILE A 337 -6.49 25.73 -13.55
C ILE A 337 -5.20 26.12 -14.28
N SER A 338 -5.18 27.35 -14.82
CA SER A 338 -3.95 27.94 -15.35
C SER A 338 -2.91 28.03 -14.24
N MET A 339 -1.81 27.29 -14.41
CA MET A 339 -0.70 27.30 -13.47
C MET A 339 0.24 28.45 -13.84
N ASP A 340 0.08 29.02 -15.05
CA ASP A 340 1.01 29.98 -15.59
C ASP A 340 1.09 31.15 -14.62
N VAL A 341 -0.07 31.54 -14.08
CA VAL A 341 -0.16 32.57 -13.07
C VAL A 341 0.84 32.25 -11.94
N PHE A 342 0.74 31.04 -11.39
CA PHE A 342 1.46 30.60 -10.19
C PHE A 342 2.97 30.42 -10.40
N VAL A 343 3.38 29.84 -11.54
CA VAL A 343 4.79 29.61 -11.84
C VAL A 343 5.48 30.95 -12.07
N ARG A 344 4.81 31.84 -12.82
CA ARG A 344 5.35 33.17 -13.09
C ARG A 344 5.66 33.89 -11.78
N LYS A 345 4.67 33.94 -10.88
CA LYS A 345 4.75 34.79 -9.70
C LYS A 345 5.62 34.15 -8.62
N PHE A 346 5.43 32.85 -8.34
CA PHE A 346 6.04 32.22 -7.18
C PHE A 346 7.22 31.33 -7.56
N GLN A 347 7.39 31.03 -8.86
CA GLN A 347 8.54 30.26 -9.32
C GLN A 347 9.16 30.93 -10.55
N PRO A 348 9.48 32.24 -10.51
CA PRO A 348 9.90 32.96 -11.72
C PRO A 348 11.15 32.38 -12.37
N GLU A 349 12.02 31.80 -11.55
CA GLU A 349 13.27 31.22 -12.01
C GLU A 349 13.01 29.99 -12.89
N ARG A 350 11.89 29.29 -12.66
CA ARG A 350 11.59 28.06 -13.38
CA ARG A 350 11.59 28.06 -13.38
C ARG A 350 10.49 28.29 -14.42
N TYR A 351 10.11 29.57 -14.62
CA TYR A 351 9.04 29.88 -15.54
C TYR A 351 9.41 29.39 -16.94
N LYS A 352 10.55 29.86 -17.46
CA LYS A 352 10.97 29.56 -18.82
C LYS A 352 11.18 28.05 -18.98
N LEU A 353 11.81 27.43 -17.98
CA LEU A 353 12.09 25.99 -18.00
C LEU A 353 10.79 25.19 -18.10
N TRP A 354 9.80 25.59 -17.29
CA TRP A 354 8.51 24.95 -17.23
C TRP A 354 7.75 25.10 -18.55
N LYS A 355 7.79 26.32 -19.14
CA LYS A 355 7.20 26.58 -20.43
C LYS A 355 7.87 25.74 -21.52
N ALA A 356 9.20 25.58 -21.40
CA ALA A 356 9.97 24.71 -22.29
C ALA A 356 9.69 23.25 -21.97
N GLY A 357 9.04 22.99 -20.82
CA GLY A 357 8.54 21.67 -20.47
C GLY A 357 9.63 20.79 -19.87
N LYS A 358 10.79 21.40 -19.55
CA LYS A 358 11.97 20.66 -19.11
C LYS A 358 12.17 20.85 -17.61
N ASP A 359 11.13 21.32 -16.92
CA ASP A 359 11.13 21.36 -15.47
C ASP A 359 10.81 19.97 -14.94
N ASN A 360 11.82 19.32 -14.32
CA ASN A 360 11.71 17.94 -13.87
C ASN A 360 11.81 17.88 -12.34
N THR A 361 11.14 18.83 -11.66
CA THR A 361 11.10 18.84 -10.21
C THR A 361 10.48 17.54 -9.70
N VAL A 362 11.01 17.03 -8.59
CA VAL A 362 10.44 15.87 -7.90
C VAL A 362 9.89 16.36 -6.56
N ILE A 363 8.66 15.97 -6.24
CA ILE A 363 8.02 16.43 -5.01
C ILE A 363 8.44 15.52 -3.86
N ASP A 364 8.78 16.15 -2.72
CA ASP A 364 8.98 15.43 -1.47
C ASP A 364 7.86 15.84 -0.53
N HIS A 365 6.97 14.87 -0.24
CA HIS A 365 5.73 15.13 0.48
C HIS A 365 6.01 15.39 1.96
N THR A 366 7.18 14.98 2.46
CA THR A 366 7.52 15.21 3.86
C THR A 366 7.73 16.70 4.11
N LEU A 367 8.10 17.44 3.06
CA LEU A 367 8.49 18.83 3.20
C LEU A 367 7.26 19.69 3.50
N PRO A 368 7.28 20.50 4.58
CA PRO A 368 6.22 21.47 4.84
C PRO A 368 6.32 22.68 3.93
N THR A 369 5.26 23.49 3.92
CA THR A 369 5.16 24.62 3.01
C THR A 369 6.23 25.63 3.41
N PRO A 370 6.86 26.33 2.45
CA PRO A 370 7.83 27.37 2.78
C PRO A 370 7.43 28.28 3.94
N GLU A 371 6.13 28.61 4.02
CA GLU A 371 5.61 29.57 4.98
C GLU A 371 5.77 29.07 6.42
N ALA A 372 6.13 27.79 6.58
CA ALA A 372 6.23 27.13 7.88
C ALA A 372 7.60 27.34 8.53
N ALA A 373 8.54 27.95 7.80
CA ALA A 373 9.90 28.18 8.27
C ALA A 373 9.87 28.93 9.60
N GLU A 374 8.96 29.90 9.67
CA GLU A 374 8.61 30.62 10.88
C GLU A 374 8.63 29.73 12.12
N PHE A 375 7.96 28.57 12.03
CA PHE A 375 7.70 27.72 13.20
C PHE A 375 8.70 26.57 13.31
N LEU A 376 9.54 26.38 12.29
CA LEU A 376 10.56 25.33 12.31
C LEU A 376 11.74 25.78 13.15
N LYS A 377 12.06 27.09 13.07
CA LYS A 377 13.22 27.67 13.74
C LYS A 377 13.00 27.67 15.26
N THR B 29 -8.93 -13.89 -13.03
CA THR B 29 -10.22 -13.28 -12.57
C THR B 29 -10.01 -12.54 -11.24
N LEU B 30 -9.25 -13.14 -10.32
CA LEU B 30 -8.92 -12.54 -9.02
C LEU B 30 -7.50 -11.97 -9.04
N ASN B 31 -7.18 -11.20 -7.99
CA ASN B 31 -5.97 -10.39 -7.89
C ASN B 31 -5.47 -9.97 -9.28
N PRO B 32 -6.26 -9.16 -10.03
CA PRO B 32 -5.92 -8.79 -11.40
C PRO B 32 -4.64 -7.99 -11.49
N SER B 33 -4.44 -7.13 -10.49
CA SER B 33 -3.26 -6.29 -10.39
C SER B 33 -2.01 -7.11 -10.07
N ALA B 34 -2.21 -8.33 -9.53
CA ALA B 34 -1.13 -9.24 -9.16
C ALA B 34 -0.22 -8.60 -8.11
N ARG B 35 -0.83 -7.89 -7.15
CA ARG B 35 -0.12 -7.25 -6.05
C ARG B 35 0.10 -8.28 -4.94
N ILE B 36 1.19 -8.11 -4.17
CA ILE B 36 1.41 -8.93 -2.99
C ILE B 36 0.22 -8.75 -2.03
N MET B 37 -0.23 -9.86 -1.43
CA MET B 37 -1.40 -9.83 -0.57
C MET B 37 -1.03 -10.16 0.88
N THR B 38 -1.79 -9.60 1.82
CA THR B 38 -1.57 -9.79 3.25
C THR B 38 -2.82 -10.34 3.93
N PHE B 39 -2.65 -11.45 4.64
CA PHE B 39 -3.77 -12.15 5.25
C PHE B 39 -3.60 -12.21 6.76
N TYR B 40 -4.72 -12.02 7.49
CA TYR B 40 -4.69 -12.03 8.95
C TYR B 40 -5.57 -13.16 9.50
N PRO B 41 -5.15 -14.44 9.42
CA PRO B 41 -6.05 -15.55 9.79
C PRO B 41 -6.41 -15.56 11.28
N THR B 42 -7.63 -16.02 11.57
CA THR B 42 -8.01 -16.43 12.92
C THR B 42 -7.30 -17.74 13.25
N MET B 43 -7.24 -18.07 14.54
CA MET B 43 -6.56 -19.26 14.98
C MET B 43 -7.18 -20.49 14.31
N GLU B 44 -8.51 -20.47 14.14
CA GLU B 44 -9.23 -21.56 13.48
C GLU B 44 -8.74 -21.67 12.03
N GLU B 45 -8.70 -20.55 11.32
CA GLU B 45 -8.27 -20.51 9.92
C GLU B 45 -6.81 -20.92 9.78
N PHE B 46 -6.04 -20.75 10.86
CA PHE B 46 -4.60 -20.89 10.82
C PHE B 46 -4.18 -22.36 10.93
N ARG B 47 -4.94 -23.16 11.68
CA ARG B 47 -4.44 -24.45 12.13
C ARG B 47 -4.01 -25.33 10.96
N ASN B 48 -4.75 -25.32 9.84
CA ASN B 48 -4.44 -26.17 8.71
C ASN B 48 -3.65 -25.38 7.66
N PHE B 49 -2.37 -25.75 7.50
CA PHE B 49 -1.49 -25.08 6.55
C PHE B 49 -2.00 -25.29 5.13
N SER B 50 -1.99 -26.54 4.65
CA SER B 50 -2.37 -26.87 3.30
C SER B 50 -3.65 -26.14 2.90
N ARG B 51 -4.63 -26.15 3.80
CA ARG B 51 -5.92 -25.53 3.57
C ARG B 51 -5.80 -24.01 3.45
N TYR B 52 -5.07 -23.38 4.38
CA TYR B 52 -4.98 -21.93 4.37
C TYR B 52 -4.27 -21.50 3.09
N ILE B 53 -3.29 -22.29 2.65
CA ILE B 53 -2.58 -22.00 1.42
C ILE B 53 -3.57 -22.03 0.26
N ALA B 54 -4.39 -23.09 0.20
CA ALA B 54 -5.38 -23.20 -0.85
C ALA B 54 -6.29 -21.96 -0.83
N TYR B 55 -6.71 -21.56 0.39
CA TYR B 55 -7.58 -20.41 0.56
C TYR B 55 -6.94 -19.16 -0.05
N ILE B 56 -5.70 -18.88 0.32
CA ILE B 56 -5.07 -17.67 -0.15
C ILE B 56 -4.92 -17.76 -1.68
N GLU B 57 -4.72 -18.97 -2.20
CA GLU B 57 -4.65 -19.14 -3.64
C GLU B 57 -6.02 -18.89 -4.27
N SER B 58 -7.09 -19.15 -3.50
CA SER B 58 -8.44 -18.87 -3.96
C SER B 58 -8.68 -17.36 -4.09
N GLN B 59 -7.81 -16.54 -3.47
CA GLN B 59 -7.97 -15.10 -3.50
C GLN B 59 -7.08 -14.48 -4.57
N GLY B 60 -6.21 -15.29 -5.20
CA GLY B 60 -5.28 -14.79 -6.20
C GLY B 60 -3.98 -14.28 -5.58
N ALA B 61 -3.64 -14.75 -4.37
CA ALA B 61 -2.42 -14.37 -3.70
C ALA B 61 -1.21 -14.79 -4.53
N HIS B 62 -1.34 -15.95 -5.18
CA HIS B 62 -0.28 -16.56 -5.97
C HIS B 62 0.11 -15.69 -7.17
N ARG B 63 -0.81 -14.82 -7.62
CA ARG B 63 -0.55 -14.02 -8.81
C ARG B 63 0.62 -13.04 -8.61
N ALA B 64 0.79 -12.57 -7.37
CA ALA B 64 1.90 -11.69 -7.03
C ALA B 64 3.20 -12.45 -7.00
N GLY B 65 3.14 -13.75 -6.67
CA GLY B 65 4.30 -14.61 -6.55
C GLY B 65 4.82 -14.71 -5.12
N LEU B 66 4.19 -13.94 -4.23
CA LEU B 66 4.65 -13.77 -2.87
C LEU B 66 3.49 -13.23 -2.03
N ALA B 67 3.43 -13.59 -0.75
CA ALA B 67 2.33 -13.13 0.08
C ALA B 67 2.72 -13.21 1.55
N LYS B 68 2.04 -12.40 2.38
CA LYS B 68 2.31 -12.37 3.81
C LYS B 68 1.14 -12.93 4.61
N VAL B 69 1.47 -13.74 5.63
CA VAL B 69 0.50 -14.25 6.56
C VAL B 69 0.89 -13.78 7.95
N VAL B 70 -0.02 -13.04 8.60
CA VAL B 70 0.15 -12.53 9.95
C VAL B 70 -0.49 -13.51 10.92
N PRO B 71 0.28 -14.37 11.62
CA PRO B 71 -0.31 -15.39 12.48
C PRO B 71 -0.98 -14.76 13.69
N PRO B 72 -2.01 -15.40 14.26
CA PRO B 72 -2.74 -14.83 15.39
C PRO B 72 -1.81 -14.48 16.55
N LYS B 73 -2.26 -13.51 17.34
CA LYS B 73 -1.48 -12.88 18.39
C LYS B 73 -0.84 -13.94 19.29
N GLU B 74 -1.64 -14.92 19.71
CA GLU B 74 -1.25 -15.88 20.73
C GLU B 74 -0.21 -16.85 20.18
N TRP B 75 -0.28 -17.15 18.88
CA TRP B 75 0.58 -18.15 18.29
C TRP B 75 2.04 -17.70 18.32
N LYS B 76 2.92 -18.58 18.80
CA LYS B 76 4.35 -18.34 18.90
C LYS B 76 5.08 -19.68 18.82
N PRO B 77 6.06 -19.85 17.89
CA PRO B 77 6.70 -21.16 17.68
C PRO B 77 7.74 -21.55 18.73
N ARG B 78 8.09 -20.59 19.59
CA ARG B 78 9.05 -20.79 20.66
C ARG B 78 8.76 -19.78 21.76
N ALA B 79 9.16 -20.10 23.00
CA ALA B 79 8.95 -19.22 24.14
C ALA B 79 9.85 -17.98 24.03
N SER B 80 11.16 -18.19 24.19
CA SER B 80 12.13 -17.11 24.08
C SER B 80 13.46 -17.69 23.57
N TYR B 81 14.16 -16.90 22.76
CA TYR B 81 15.37 -17.34 22.09
C TYR B 81 16.58 -16.79 22.83
N ASP B 82 16.72 -17.17 24.11
CA ASP B 82 17.78 -16.65 24.97
C ASP B 82 19.05 -17.50 24.83
N ASP B 83 18.85 -18.78 24.48
CA ASP B 83 19.90 -19.79 24.55
C ASP B 83 20.46 -20.09 23.16
N ILE B 84 19.97 -19.37 22.15
CA ILE B 84 20.45 -19.53 20.78
C ILE B 84 21.90 -19.04 20.73
N ASP B 85 22.33 -18.35 21.80
CA ASP B 85 23.67 -17.80 21.87
C ASP B 85 24.70 -18.84 21.44
N ASP B 86 24.57 -20.07 21.97
CA ASP B 86 25.58 -21.10 21.83
C ASP B 86 25.45 -21.91 20.54
N LEU B 87 24.50 -21.59 19.66
CA LEU B 87 24.34 -22.32 18.41
C LEU B 87 25.53 -22.06 17.49
N VAL B 88 25.88 -23.07 16.68
CA VAL B 88 27.00 -23.03 15.77
C VAL B 88 26.52 -22.71 14.36
N ILE B 89 27.06 -21.64 13.77
CA ILE B 89 26.90 -21.35 12.37
C ILE B 89 28.13 -21.92 11.66
N PRO B 90 28.02 -23.09 10.99
CA PRO B 90 29.17 -23.78 10.40
C PRO B 90 29.91 -23.03 9.30
N ALA B 91 29.16 -22.37 8.42
CA ALA B 91 29.73 -21.84 7.20
C ALA B 91 29.13 -20.48 6.85
N PRO B 92 29.43 -19.41 7.63
CA PRO B 92 28.95 -18.07 7.29
C PRO B 92 29.54 -17.67 5.93
N ILE B 93 28.86 -16.74 5.25
CA ILE B 93 29.28 -16.31 3.92
C ILE B 93 29.42 -14.79 3.88
N GLN B 94 30.64 -14.34 3.60
CA GLN B 94 30.88 -12.93 3.36
C GLN B 94 30.34 -12.58 1.97
N GLN B 95 29.43 -11.62 1.94
CA GLN B 95 28.77 -11.22 0.71
C GLN B 95 29.54 -10.08 0.05
N LEU B 96 30.18 -10.42 -1.07
CA LEU B 96 30.92 -9.46 -1.87
C LEU B 96 30.11 -9.12 -3.10
N VAL B 97 29.91 -7.83 -3.35
CA VAL B 97 29.03 -7.39 -4.43
C VAL B 97 29.83 -6.60 -5.45
N THR B 98 29.80 -7.12 -6.69
CA THR B 98 30.49 -6.52 -7.81
C THR B 98 29.51 -5.81 -8.73
N GLY B 99 29.80 -4.54 -9.08
CA GLY B 99 29.06 -3.86 -10.12
C GLY B 99 28.68 -2.41 -9.80
N GLN B 100 27.65 -1.91 -10.50
CA GLN B 100 27.21 -0.52 -10.43
C GLN B 100 25.95 -0.31 -11.25
N SER B 101 25.37 0.89 -11.13
CA SER B 101 24.26 1.32 -11.97
C SER B 101 23.12 0.31 -11.91
N GLY B 102 22.80 -0.14 -10.69
CA GLY B 102 21.64 -1.00 -10.47
C GLY B 102 21.81 -2.45 -10.91
N LEU B 103 22.99 -2.83 -11.42
CA LEU B 103 23.30 -4.21 -11.80
C LEU B 103 24.50 -4.70 -11.00
N PHE B 104 24.36 -5.85 -10.33
CA PHE B 104 25.43 -6.34 -9.47
C PHE B 104 25.47 -7.87 -9.50
N THR B 105 26.66 -8.37 -9.19
CA THR B 105 26.92 -9.79 -9.03
C THR B 105 27.46 -10.03 -7.64
N GLN B 106 26.88 -11.02 -6.95
CA GLN B 106 27.19 -11.25 -5.56
C GLN B 106 28.02 -12.53 -5.43
N TYR B 107 29.26 -12.38 -5.00
CA TYR B 107 30.13 -13.50 -4.69
C TYR B 107 30.11 -13.76 -3.18
N ASN B 108 29.70 -14.97 -2.81
CA ASN B 108 29.55 -15.37 -1.42
C ASN B 108 30.77 -16.21 -1.03
N ILE B 109 31.48 -15.78 0.00
CA ILE B 109 32.71 -16.43 0.39
C ILE B 109 32.51 -17.15 1.72
N GLN B 110 32.71 -18.47 1.72
CA GLN B 110 32.54 -19.26 2.92
C GLN B 110 33.64 -18.96 3.92
N LYS B 111 33.28 -18.19 4.97
CA LYS B 111 34.15 -17.91 6.10
C LYS B 111 34.10 -19.08 7.08
N LYS B 112 35.09 -19.13 7.98
CA LYS B 112 35.11 -20.17 9.01
C LYS B 112 33.89 -19.99 9.92
N ALA B 113 33.63 -21.03 10.72
CA ALA B 113 32.46 -21.09 11.56
C ALA B 113 32.56 -20.05 12.68
N MET B 114 31.40 -19.76 13.28
CA MET B 114 31.32 -18.94 14.48
C MET B 114 29.96 -19.17 15.13
N THR B 115 29.87 -18.81 16.42
CA THR B 115 28.65 -18.99 17.19
C THR B 115 27.74 -17.79 16.96
N VAL B 116 26.47 -17.95 17.35
CA VAL B 116 25.48 -16.89 17.25
C VAL B 116 25.89 -15.72 18.14
N ARG B 117 26.43 -16.03 19.32
CA ARG B 117 27.04 -15.02 20.18
C ARG B 117 28.02 -14.19 19.34
N GLU B 118 28.93 -14.88 18.66
CA GLU B 118 30.02 -14.23 17.93
C GLU B 118 29.44 -13.40 16.78
N PHE B 119 28.48 -13.99 16.05
CA PHE B 119 27.86 -13.30 14.93
C PHE B 119 27.13 -12.05 15.41
N ARG B 120 26.36 -12.17 16.50
CA ARG B 120 25.58 -11.07 17.06
C ARG B 120 26.47 -9.86 17.33
N LYS B 121 27.60 -10.09 18.03
CA LYS B 121 28.53 -9.03 18.35
C LYS B 121 28.96 -8.29 17.08
N ILE B 122 29.34 -9.07 16.05
CA ILE B 122 29.83 -8.53 14.78
C ILE B 122 28.72 -7.74 14.09
N ALA B 123 27.50 -8.29 14.11
CA ALA B 123 26.37 -7.66 13.45
C ALA B 123 26.19 -6.24 13.97
N ASN B 124 26.22 -6.08 15.29
CA ASN B 124 25.87 -4.82 15.94
C ASN B 124 27.06 -3.88 15.98
N SER B 125 28.26 -4.37 15.66
CA SER B 125 29.47 -3.56 15.66
C SER B 125 29.23 -2.28 14.85
N ASP B 126 29.97 -1.22 15.18
CA ASP B 126 29.73 0.10 14.63
C ASP B 126 30.06 0.11 13.14
N LYS B 127 30.98 -0.78 12.72
CA LYS B 127 31.30 -0.99 11.32
C LYS B 127 30.08 -1.50 10.56
N TYR B 128 29.46 -2.55 11.12
CA TYR B 128 28.42 -3.31 10.43
C TYR B 128 27.01 -2.85 10.81
N CYS B 129 26.88 -2.11 11.92
CA CYS B 129 25.58 -1.71 12.45
C CYS B 129 24.73 -1.08 11.34
N THR B 130 23.43 -1.38 11.37
CA THR B 130 22.46 -0.73 10.50
C THR B 130 22.61 0.78 10.58
N PRO B 131 22.49 1.53 9.45
CA PRO B 131 22.52 2.99 9.51
C PRO B 131 21.29 3.62 10.17
N ARG B 132 21.36 4.94 10.39
CA ARG B 132 20.23 5.72 10.85
C ARG B 132 19.31 6.01 9.66
N TYR B 133 18.01 5.85 9.89
CA TYR B 133 17.00 6.20 8.91
C TYR B 133 15.67 6.50 9.62
N SER B 134 14.79 7.21 8.91
CA SER B 134 13.52 7.68 9.43
C SER B 134 12.36 6.81 8.91
N GLU B 135 12.38 6.56 7.59
CA GLU B 135 11.38 5.70 6.94
C GLU B 135 12.11 4.66 6.10
N PHE B 136 11.46 3.49 5.91
CA PHE B 136 12.00 2.40 5.09
C PHE B 136 12.63 2.93 3.80
N GLU B 137 11.86 3.75 3.06
CA GLU B 137 12.33 4.38 1.84
C GLU B 137 13.82 4.73 1.94
N GLU B 138 14.18 5.46 3.00
CA GLU B 138 15.54 5.91 3.20
C GLU B 138 16.49 4.72 3.20
N LEU B 139 16.17 3.71 4.03
CA LEU B 139 17.06 2.57 4.24
C LEU B 139 17.25 1.79 2.95
N GLU B 140 16.18 1.71 2.14
CA GLU B 140 16.19 1.04 0.85
C GLU B 140 17.23 1.70 -0.05
N ARG B 141 17.06 3.00 -0.30
CA ARG B 141 18.01 3.76 -1.10
C ARG B 141 19.41 3.51 -0.57
N LYS B 142 19.58 3.60 0.76
CA LYS B 142 20.89 3.44 1.37
C LYS B 142 21.47 2.09 0.98
N TYR B 143 20.64 1.04 1.06
CA TYR B 143 21.04 -0.32 0.69
C TYR B 143 21.51 -0.37 -0.77
N TRP B 144 20.74 0.24 -1.66
CA TRP B 144 20.99 0.17 -3.08
C TRP B 144 22.12 1.11 -3.51
N LYS B 145 22.61 1.94 -2.60
CA LYS B 145 23.72 2.82 -2.91
C LYS B 145 25.02 2.22 -2.38
N ASN B 146 24.98 1.64 -1.17
CA ASN B 146 26.18 1.28 -0.44
C ASN B 146 26.37 -0.23 -0.39
N LEU B 147 26.03 -0.92 -1.47
CA LEU B 147 26.08 -2.38 -1.51
C LEU B 147 27.51 -2.85 -1.76
N THR B 148 28.19 -2.15 -2.67
CA THR B 148 29.57 -2.44 -3.03
C THR B 148 30.54 -1.81 -2.03
N PHE B 149 30.06 -0.86 -1.21
CA PHE B 149 30.93 -0.06 -0.37
C PHE B 149 31.21 -0.71 0.98
N ASN B 150 30.65 -1.88 1.26
CA ASN B 150 31.02 -2.60 2.48
C ASN B 150 30.60 -4.06 2.36
N PRO B 151 31.35 -5.01 2.97
CA PRO B 151 31.06 -6.44 2.83
C PRO B 151 30.38 -7.08 4.03
N PRO B 152 29.07 -7.41 3.95
CA PRO B 152 28.38 -8.08 5.04
C PRO B 152 28.65 -9.58 5.13
N ILE B 153 28.45 -10.16 6.31
CA ILE B 153 28.53 -11.61 6.48
C ILE B 153 27.11 -12.07 6.74
N TYR B 154 26.72 -13.26 6.26
CA TYR B 154 25.35 -13.74 6.42
C TYR B 154 25.40 -15.14 6.99
N GLY B 155 24.87 -15.31 8.20
CA GLY B 155 24.78 -16.63 8.83
C GLY B 155 23.63 -17.43 8.24
N ALA B 156 23.81 -17.92 7.01
CA ALA B 156 22.73 -18.52 6.24
C ALA B 156 22.94 -20.03 6.13
N ASP B 157 21.93 -20.72 5.60
CA ASP B 157 22.02 -22.13 5.26
C ASP B 157 22.40 -22.95 6.49
N VAL B 158 21.80 -22.60 7.63
CA VAL B 158 22.07 -23.28 8.90
C VAL B 158 20.99 -24.34 9.14
N ASN B 159 21.32 -25.61 8.88
CA ASN B 159 20.38 -26.72 9.10
C ASN B 159 19.90 -26.70 10.54
N GLY B 160 18.57 -26.65 10.72
CA GLY B 160 17.99 -26.64 12.05
C GLY B 160 16.66 -25.87 12.09
N THR B 161 15.97 -25.97 13.24
CA THR B 161 14.70 -25.30 13.47
C THR B 161 14.67 -24.73 14.88
N LEU B 162 14.03 -23.58 15.05
CA LEU B 162 13.88 -22.94 16.35
C LEU B 162 12.48 -23.17 16.91
N TYR B 163 11.64 -23.94 16.18
CA TYR B 163 10.32 -24.32 16.63
C TYR B 163 10.41 -25.28 17.81
N GLU B 164 9.40 -25.23 18.69
CA GLU B 164 9.30 -26.15 19.82
C GLU B 164 8.53 -27.40 19.39
N LYS B 165 8.85 -28.53 20.04
CA LYS B 165 8.40 -29.84 19.61
C LYS B 165 6.87 -29.91 19.57
N HIS B 166 6.22 -29.23 20.51
CA HIS B 166 4.78 -29.36 20.71
C HIS B 166 3.99 -28.53 19.68
N VAL B 167 4.63 -27.58 19.00
CA VAL B 167 3.94 -26.67 18.09
C VAL B 167 3.61 -27.41 16.80
N ASP B 168 2.31 -27.60 16.53
CA ASP B 168 1.87 -28.38 15.37
C ASP B 168 1.49 -27.48 14.20
N GLU B 169 1.15 -26.21 14.50
CA GLU B 169 0.59 -25.30 13.51
C GLU B 169 1.74 -24.61 12.79
N TRP B 170 1.84 -24.85 11.47
CA TRP B 170 2.79 -24.18 10.59
C TRP B 170 4.23 -24.49 11.03
N ASN B 171 4.45 -25.73 11.48
CA ASN B 171 5.77 -26.18 11.90
C ASN B 171 6.62 -26.44 10.66
N ILE B 172 7.52 -25.49 10.36
CA ILE B 172 8.36 -25.54 9.16
C ILE B 172 9.15 -26.85 9.15
N GLY B 173 9.55 -27.33 10.32
CA GLY B 173 10.24 -28.60 10.48
C GLY B 173 9.48 -29.77 9.85
N ARG B 174 8.16 -29.80 10.01
CA ARG B 174 7.35 -30.96 9.61
C ARG B 174 6.00 -30.50 9.07
N LEU B 175 6.01 -29.75 7.97
CA LEU B 175 4.78 -29.24 7.35
C LEU B 175 3.99 -30.39 6.75
N ARG B 176 4.70 -31.44 6.30
CA ARG B 176 4.10 -32.64 5.72
C ARG B 176 3.32 -32.25 4.46
N THR B 177 4.05 -31.88 3.41
CA THR B 177 3.47 -31.63 2.10
C THR B 177 3.76 -32.81 1.17
N ILE B 178 3.24 -32.74 -0.06
CA ILE B 178 3.45 -33.80 -1.04
C ILE B 178 4.92 -33.78 -1.45
N LEU B 179 5.67 -32.75 -1.04
CA LEU B 179 7.10 -32.73 -1.23
C LEU B 179 7.77 -33.84 -0.42
N ASP B 180 7.15 -34.24 0.69
CA ASP B 180 7.69 -35.28 1.55
C ASP B 180 7.93 -36.59 0.77
N LEU B 181 7.36 -36.70 -0.44
CA LEU B 181 7.56 -37.90 -1.26
C LEU B 181 8.98 -37.99 -1.83
N VAL B 182 9.65 -36.83 -1.97
CA VAL B 182 10.94 -36.77 -2.64
C VAL B 182 11.95 -37.59 -1.85
N GLU B 183 12.04 -37.32 -0.54
CA GLU B 183 12.92 -38.00 0.40
C GLU B 183 12.65 -39.51 0.36
N LYS B 184 11.36 -39.85 0.33
CA LYS B 184 10.93 -41.23 0.19
C LYS B 184 11.02 -41.63 -1.29
N GLU B 191 18.47 -31.22 2.63
CA GLU B 191 18.72 -29.99 3.42
C GLU B 191 18.03 -28.80 2.74
N GLY B 192 17.14 -28.11 3.46
CA GLY B 192 16.54 -26.87 2.98
C GLY B 192 15.26 -27.11 2.19
N VAL B 193 15.20 -28.25 1.48
CA VAL B 193 14.07 -28.61 0.64
C VAL B 193 12.92 -29.02 1.57
N ASN B 194 13.07 -30.14 2.28
CA ASN B 194 12.09 -30.52 3.29
C ASN B 194 12.68 -30.34 4.69
N THR B 195 13.98 -30.00 4.79
CA THR B 195 14.62 -29.80 6.09
C THR B 195 14.67 -28.30 6.39
N PRO B 196 14.43 -27.89 7.65
CA PRO B 196 14.44 -26.46 7.99
C PRO B 196 15.84 -25.87 7.96
N TYR B 197 15.92 -24.62 7.47
CA TYR B 197 17.14 -23.83 7.41
C TYR B 197 17.00 -22.59 8.29
N LEU B 198 18.10 -22.15 8.91
CA LEU B 198 18.14 -20.94 9.73
C LEU B 198 19.04 -19.90 9.07
N TYR B 199 18.59 -18.64 9.11
CA TYR B 199 19.19 -17.53 8.39
C TYR B 199 19.34 -16.32 9.31
N PHE B 200 20.54 -16.19 9.92
CA PHE B 200 20.91 -15.06 10.75
C PHE B 200 21.48 -13.93 9.89
N GLY B 201 20.67 -12.87 9.67
CA GLY B 201 21.06 -11.75 8.81
C GLY B 201 21.83 -10.65 9.54
N MET B 202 22.30 -9.66 8.79
CA MET B 202 22.70 -8.38 9.35
C MET B 202 22.39 -7.32 8.28
N TRP B 203 22.67 -6.05 8.57
CA TRP B 203 22.44 -4.96 7.64
C TRP B 203 23.07 -5.29 6.28
N LYS B 204 22.25 -5.19 5.24
CA LYS B 204 22.68 -5.23 3.86
C LYS B 204 22.94 -6.66 3.36
N THR B 205 22.84 -7.68 4.21
CA THR B 205 22.92 -9.04 3.70
C THR B 205 21.74 -9.24 2.78
N SER B 206 22.02 -9.81 1.60
CA SER B 206 21.09 -9.82 0.49
C SER B 206 20.92 -11.26 -0.01
N PHE B 207 19.72 -11.55 -0.52
CA PHE B 207 19.51 -12.72 -1.34
C PHE B 207 19.15 -12.21 -2.73
N ALA B 208 19.86 -12.78 -3.73
CA ALA B 208 19.75 -12.36 -5.12
C ALA B 208 18.45 -12.89 -5.71
N TRP B 209 17.96 -12.24 -6.77
CA TRP B 209 16.78 -12.69 -7.47
C TRP B 209 16.87 -14.20 -7.70
N HIS B 210 15.82 -14.93 -7.27
CA HIS B 210 15.76 -16.37 -7.47
C HIS B 210 14.30 -16.84 -7.54
N THR B 211 14.13 -18.03 -8.09
CA THR B 211 13.00 -18.89 -7.77
C THR B 211 13.55 -20.05 -6.95
N GLU B 212 12.71 -20.64 -6.11
CA GLU B 212 13.17 -21.72 -5.25
C GLU B 212 13.57 -22.88 -6.14
N ASP B 213 14.30 -23.83 -5.57
CA ASP B 213 14.82 -24.95 -6.33
C ASP B 213 13.65 -25.80 -6.80
N MET B 214 13.70 -26.21 -8.08
CA MET B 214 12.61 -26.91 -8.74
C MET B 214 11.34 -26.07 -8.71
N ASP B 215 11.49 -24.74 -8.67
CA ASP B 215 10.37 -23.82 -8.70
C ASP B 215 9.35 -24.19 -7.63
N LEU B 216 9.80 -24.68 -6.49
CA LEU B 216 8.90 -25.04 -5.41
C LEU B 216 8.35 -23.78 -4.77
N TYR B 217 7.40 -23.95 -3.84
CA TYR B 217 6.99 -22.90 -2.92
C TYR B 217 8.09 -22.75 -1.86
N SER B 218 7.97 -21.73 -1.01
CA SER B 218 8.73 -21.71 0.23
C SER B 218 8.03 -20.84 1.26
N ILE B 219 8.39 -21.10 2.52
CA ILE B 219 7.86 -20.38 3.66
C ILE B 219 9.05 -19.81 4.44
N ASN B 220 8.91 -18.56 4.91
CA ASN B 220 9.96 -17.92 5.68
C ASN B 220 9.33 -17.25 6.91
N TYR B 221 9.81 -17.63 8.09
CA TYR B 221 9.33 -17.09 9.35
C TYR B 221 10.45 -16.33 10.04
N LEU B 222 10.25 -15.01 10.19
CA LEU B 222 11.22 -14.16 10.86
C LEU B 222 11.07 -14.31 12.38
N HIS B 223 11.81 -15.27 12.95
CA HIS B 223 11.72 -15.58 14.37
C HIS B 223 11.87 -14.33 15.24
N PHE B 224 12.93 -13.55 14.96
CA PHE B 224 13.22 -12.37 15.77
C PHE B 224 14.24 -11.49 15.06
N GLY B 225 14.41 -10.27 15.57
CA GLY B 225 15.39 -9.34 15.06
C GLY B 225 14.76 -8.31 14.13
N GLU B 226 15.61 -7.55 13.45
CA GLU B 226 15.17 -6.45 12.62
C GLU B 226 14.48 -7.00 11.36
N PRO B 227 13.72 -6.15 10.62
CA PRO B 227 12.99 -6.61 9.43
C PRO B 227 13.84 -7.10 8.26
N LYS B 228 13.12 -7.61 7.24
CA LYS B 228 13.69 -8.09 6.00
C LYS B 228 12.74 -7.73 4.87
N SER B 229 13.20 -6.93 3.91
CA SER B 229 12.32 -6.49 2.83
C SER B 229 12.41 -7.46 1.66
N TRP B 230 11.27 -7.62 0.96
CA TRP B 230 11.14 -8.55 -0.14
C TRP B 230 10.67 -7.82 -1.40
N TYR B 231 11.32 -8.15 -2.52
CA TYR B 231 10.88 -7.79 -3.86
C TYR B 231 10.33 -9.03 -4.56
N SER B 232 9.39 -8.81 -5.48
CA SER B 232 8.71 -9.92 -6.14
CA SER B 232 8.71 -9.92 -6.14
C SER B 232 8.39 -9.55 -7.59
N VAL B 233 8.58 -10.53 -8.49
CA VAL B 233 8.11 -10.44 -9.85
C VAL B 233 7.01 -11.50 -10.02
N PRO B 234 5.83 -11.14 -10.56
CA PRO B 234 4.75 -12.10 -10.79
C PRO B 234 5.25 -13.31 -11.57
N PRO B 235 4.81 -14.55 -11.25
CA PRO B 235 5.13 -15.72 -12.06
C PRO B 235 4.79 -15.49 -13.53
N GLU B 236 3.64 -14.87 -13.76
CA GLU B 236 3.13 -14.59 -15.09
C GLU B 236 3.89 -13.45 -15.77
N HIS B 237 4.99 -12.99 -15.15
CA HIS B 237 5.92 -12.07 -15.78
C HIS B 237 7.37 -12.50 -15.54
N GLY B 238 7.58 -13.75 -15.11
CA GLY B 238 8.91 -14.23 -14.77
C GLY B 238 9.81 -14.32 -16.00
N LYS B 239 9.22 -14.70 -17.14
CA LYS B 239 9.96 -14.80 -18.39
C LYS B 239 10.49 -13.42 -18.78
N ARG B 240 9.76 -12.36 -18.42
CA ARG B 240 10.20 -11.01 -18.69
C ARG B 240 11.53 -10.69 -17.99
N LEU B 241 11.61 -11.07 -16.72
CA LEU B 241 12.81 -10.83 -15.91
C LEU B 241 13.98 -11.64 -16.46
N GLU B 242 13.70 -12.87 -16.92
CA GLU B 242 14.71 -13.73 -17.50
C GLU B 242 15.27 -13.09 -18.78
N ARG B 243 14.38 -12.55 -19.62
CA ARG B 243 14.78 -11.97 -20.90
C ARG B 243 15.68 -10.76 -20.68
N LEU B 244 15.37 -9.96 -19.65
CA LEU B 244 16.15 -8.77 -19.31
C LEU B 244 17.51 -9.19 -18.73
N ALA B 245 17.47 -10.14 -17.79
CA ALA B 245 18.64 -10.56 -17.05
C ALA B 245 19.66 -11.19 -18.00
N LYS B 246 19.16 -11.94 -18.99
CA LYS B 246 20.00 -12.55 -20.02
C LYS B 246 20.77 -11.46 -20.77
N GLY B 247 20.06 -10.38 -21.14
CA GLY B 247 20.68 -9.25 -21.82
C GLY B 247 21.80 -8.61 -21.02
N PHE B 248 21.60 -8.47 -19.70
CA PHE B 248 22.54 -7.78 -18.85
C PHE B 248 23.75 -8.65 -18.52
N PHE B 249 23.53 -9.97 -18.42
CA PHE B 249 24.60 -10.90 -18.07
C PHE B 249 24.69 -11.98 -19.14
N PRO B 250 25.04 -11.60 -20.40
CA PRO B 250 25.02 -12.53 -21.52
C PRO B 250 25.92 -13.74 -21.30
N GLY B 251 27.18 -13.51 -20.93
CA GLY B 251 28.13 -14.59 -20.71
C GLY B 251 27.57 -15.62 -19.74
N SER B 252 26.95 -15.13 -18.66
CA SER B 252 26.38 -15.99 -17.65
C SER B 252 25.36 -16.92 -18.29
N ALA B 253 24.49 -16.36 -19.13
CA ALA B 253 23.44 -17.14 -19.77
C ALA B 253 24.03 -18.13 -20.77
N GLN B 254 24.99 -17.67 -21.58
CA GLN B 254 25.61 -18.50 -22.60
C GLN B 254 26.33 -19.68 -21.96
N SER B 255 26.49 -19.65 -20.62
CA SER B 255 27.20 -20.68 -19.88
C SER B 255 26.25 -21.61 -19.13
N CYS B 256 25.26 -21.04 -18.41
CA CYS B 256 24.43 -21.83 -17.52
C CYS B 256 23.00 -21.98 -18.02
N GLU B 257 22.57 -21.15 -18.98
CA GLU B 257 21.19 -21.18 -19.44
C GLU B 257 20.31 -20.62 -18.33
N ALA B 258 20.18 -21.34 -17.21
CA ALA B 258 19.50 -20.79 -16.04
C ALA B 258 20.50 -20.27 -15.03
N PHE B 259 21.23 -19.23 -15.40
CA PHE B 259 22.27 -18.65 -14.56
C PHE B 259 21.71 -17.96 -13.31
N LEU B 260 20.40 -17.64 -13.30
CA LEU B 260 19.77 -16.96 -12.17
C LEU B 260 19.65 -17.91 -10.98
N ARG B 261 19.65 -19.22 -11.25
CA ARG B 261 19.59 -20.22 -10.21
C ARG B 261 20.85 -20.20 -9.36
N HIS B 262 21.88 -19.50 -9.82
CA HIS B 262 23.10 -19.37 -9.06
C HIS B 262 22.90 -18.46 -7.84
N LYS B 263 21.77 -17.74 -7.81
CA LYS B 263 21.43 -16.92 -6.65
C LYS B 263 22.53 -15.90 -6.40
N MET B 264 22.92 -15.17 -7.45
CA MET B 264 24.05 -14.26 -7.40
C MET B 264 23.74 -12.93 -8.09
N THR B 265 22.57 -12.83 -8.74
CA THR B 265 22.27 -11.68 -9.57
C THR B 265 21.44 -10.69 -8.77
N LEU B 266 21.92 -9.44 -8.68
CA LEU B 266 21.18 -8.37 -8.03
C LEU B 266 20.82 -7.31 -9.07
N ILE B 267 19.54 -6.91 -9.07
CA ILE B 267 19.04 -5.90 -9.99
C ILE B 267 18.17 -4.91 -9.22
N SER B 268 18.25 -3.64 -9.62
CA SER B 268 17.68 -2.53 -8.86
C SER B 268 16.18 -2.37 -9.13
N PRO B 269 15.37 -1.94 -8.13
CA PRO B 269 13.98 -1.59 -8.39
C PRO B 269 13.84 -0.53 -9.48
N LEU B 270 14.74 0.47 -9.46
CA LEU B 270 14.66 1.55 -10.43
C LEU B 270 15.08 1.06 -11.82
N MET B 271 15.92 0.00 -11.89
CA MET B 271 16.20 -0.63 -13.17
C MET B 271 14.97 -1.35 -13.70
N LEU B 272 14.29 -2.07 -12.79
CA LEU B 272 13.09 -2.78 -13.16
C LEU B 272 12.08 -1.77 -13.73
N LYS B 273 11.92 -0.63 -13.07
CA LYS B 273 11.03 0.40 -13.56
C LYS B 273 11.51 0.84 -14.94
N LYS B 274 12.82 1.09 -15.07
CA LYS B 274 13.39 1.55 -16.32
C LYS B 274 12.99 0.60 -17.45
N TYR B 275 13.06 -0.70 -17.16
CA TYR B 275 12.89 -1.73 -18.17
C TYR B 275 11.50 -2.37 -18.08
N GLY B 276 10.60 -1.74 -17.31
CA GLY B 276 9.18 -2.06 -17.33
C GLY B 276 8.87 -3.47 -16.83
N ILE B 277 9.69 -4.03 -15.95
CA ILE B 277 9.43 -5.33 -15.36
C ILE B 277 8.47 -5.14 -14.18
N PRO B 278 7.25 -5.74 -14.19
CA PRO B 278 6.32 -5.58 -13.09
C PRO B 278 6.90 -6.18 -11.82
N PHE B 279 6.73 -5.47 -10.70
CA PHE B 279 7.22 -5.98 -9.42
C PHE B 279 6.50 -5.28 -8.28
N ASP B 280 6.61 -5.89 -7.10
CA ASP B 280 6.02 -5.34 -5.90
C ASP B 280 6.97 -5.58 -4.73
N LYS B 281 6.81 -4.75 -3.68
CA LYS B 281 7.68 -4.77 -2.51
C LYS B 281 6.85 -5.01 -1.25
N VAL B 282 7.49 -5.62 -0.23
CA VAL B 282 6.87 -5.77 1.08
C VAL B 282 7.99 -5.96 2.13
N THR B 283 7.74 -5.49 3.35
CA THR B 283 8.70 -5.59 4.45
C THR B 283 8.17 -6.58 5.47
N GLN B 284 8.92 -7.68 5.66
CA GLN B 284 8.59 -8.70 6.66
C GLN B 284 9.07 -8.22 8.02
N GLU B 285 8.14 -8.11 8.97
CA GLU B 285 8.45 -7.80 10.37
C GLU B 285 8.65 -9.11 11.12
N ALA B 286 9.33 -9.02 12.28
CA ALA B 286 9.57 -10.20 13.09
C ALA B 286 8.24 -10.77 13.55
N GLY B 287 8.07 -12.10 13.39
CA GLY B 287 6.86 -12.78 13.81
C GLY B 287 5.86 -12.98 12.67
N GLU B 288 6.20 -12.51 11.46
CA GLU B 288 5.32 -12.64 10.31
C GLU B 288 5.82 -13.77 9.40
N PHE B 289 4.89 -14.32 8.61
CA PHE B 289 5.21 -15.36 7.63
C PHE B 289 5.22 -14.75 6.23
N MET B 290 6.18 -15.20 5.41
CA MET B 290 6.21 -14.88 3.99
C MET B 290 6.15 -16.17 3.18
N ILE B 291 5.36 -16.16 2.11
CA ILE B 291 5.16 -17.34 1.27
C ILE B 291 5.52 -16.98 -0.16
N THR B 292 6.41 -17.79 -0.76
CA THR B 292 6.74 -17.66 -2.16
C THR B 292 6.07 -18.75 -2.98
N PHE B 293 5.60 -18.40 -4.18
CA PHE B 293 4.83 -19.32 -4.99
C PHE B 293 5.70 -19.87 -6.11
N PRO B 294 5.30 -21.00 -6.75
CA PRO B 294 6.07 -21.58 -7.84
C PRO B 294 6.38 -20.53 -8.88
N TYR B 295 7.64 -20.53 -9.35
CA TYR B 295 8.11 -19.60 -10.38
C TYR B 295 7.79 -18.15 -10.02
N GLY B 296 7.70 -17.83 -8.73
CA GLY B 296 7.62 -16.45 -8.28
C GLY B 296 9.01 -15.94 -7.90
N TYR B 297 9.57 -15.09 -8.77
CA TYR B 297 10.91 -14.55 -8.54
C TYR B 297 10.87 -13.62 -7.33
N HIS B 298 11.81 -13.83 -6.40
CA HIS B 298 11.92 -12.99 -5.22
C HIS B 298 13.39 -12.66 -4.93
N ALA B 299 13.55 -11.52 -4.25
CA ALA B 299 14.82 -11.07 -3.71
C ALA B 299 14.52 -10.24 -2.46
N GLY B 300 15.57 -9.85 -1.72
CA GLY B 300 15.39 -9.03 -0.54
C GLY B 300 16.69 -8.82 0.23
N PHE B 301 16.57 -8.06 1.33
CA PHE B 301 17.72 -7.69 2.13
C PHE B 301 17.30 -7.53 3.58
N ASN B 302 18.21 -7.88 4.49
CA ASN B 302 17.98 -7.79 5.91
C ASN B 302 18.30 -6.37 6.38
N HIS B 303 17.47 -5.85 7.31
CA HIS B 303 17.62 -4.51 7.87
C HIS B 303 18.69 -4.50 8.95
N GLY B 304 18.65 -5.50 9.83
CA GLY B 304 19.67 -5.67 10.87
C GLY B 304 19.77 -7.14 11.32
N PHE B 305 20.50 -7.39 12.40
CA PHE B 305 20.64 -8.74 12.91
C PHE B 305 19.26 -9.33 13.14
N ASN B 306 19.03 -10.49 12.52
CA ASN B 306 17.74 -11.17 12.65
C ASN B 306 17.96 -12.67 12.46
N CYS B 307 16.95 -13.46 12.84
CA CYS B 307 16.95 -14.88 12.60
C CYS B 307 15.68 -15.28 11.86
N ALA B 308 15.85 -15.91 10.70
CA ALA B 308 14.74 -16.35 9.88
C ALA B 308 14.86 -17.86 9.67
N GLU B 309 13.72 -18.54 9.66
CA GLU B 309 13.69 -19.97 9.38
C GLU B 309 12.92 -20.20 8.08
N SER B 310 13.38 -21.18 7.29
CA SER B 310 12.86 -21.38 5.96
C SER B 310 12.81 -22.87 5.60
N THR B 311 11.90 -23.23 4.68
CA THR B 311 11.92 -24.52 3.99
C THR B 311 11.04 -24.42 2.74
N ASN B 312 11.21 -25.37 1.81
CA ASN B 312 10.38 -25.47 0.63
C ASN B 312 9.15 -26.33 0.92
N PHE B 313 8.06 -26.11 0.18
CA PHE B 313 6.90 -27.00 0.25
C PHE B 313 6.18 -27.05 -1.10
N ALA B 314 5.17 -27.92 -1.19
CA ALA B 314 4.52 -28.22 -2.45
C ALA B 314 3.01 -28.36 -2.28
N THR B 315 2.30 -28.10 -3.38
CA THR B 315 0.88 -28.39 -3.54
C THR B 315 0.72 -29.19 -4.83
N ARG B 316 -0.47 -29.77 -5.04
CA ARG B 316 -0.71 -30.53 -6.26
C ARG B 316 -0.31 -29.70 -7.48
N ARG B 317 -0.64 -28.40 -7.47
CA ARG B 317 -0.42 -27.53 -8.61
C ARG B 317 1.05 -27.54 -9.03
N TRP B 318 1.96 -27.61 -8.04
CA TRP B 318 3.38 -27.48 -8.28
C TRP B 318 3.90 -28.53 -9.26
N ILE B 319 3.35 -29.76 -9.20
CA ILE B 319 3.98 -30.91 -9.85
C ILE B 319 4.36 -30.58 -11.29
N GLU B 320 3.49 -29.87 -12.01
CA GLU B 320 3.74 -29.50 -13.40
C GLU B 320 4.88 -28.49 -13.46
N TYR B 321 4.95 -27.56 -12.50
CA TYR B 321 6.06 -26.63 -12.39
C TYR B 321 7.36 -27.41 -12.25
N GLY B 322 7.34 -28.44 -11.37
CA GLY B 322 8.49 -29.30 -11.16
C GLY B 322 8.95 -29.99 -12.45
N LYS B 323 7.98 -30.47 -13.24
CA LYS B 323 8.29 -31.09 -14.51
C LYS B 323 8.97 -30.08 -15.43
N GLN B 324 8.47 -28.83 -15.42
CA GLN B 324 8.90 -27.81 -16.37
C GLN B 324 9.85 -26.80 -15.72
N ALA B 325 10.81 -27.29 -14.94
CA ALA B 325 11.85 -26.43 -14.40
C ALA B 325 13.00 -26.35 -15.40
N VAL B 326 13.63 -25.17 -15.52
CA VAL B 326 14.90 -25.05 -16.22
C VAL B 326 16.00 -25.08 -15.18
N LEU B 327 16.73 -26.20 -15.11
CA LEU B 327 17.65 -26.45 -14.00
C LEU B 327 19.02 -25.84 -14.31
N CYS B 328 19.91 -25.86 -13.32
CA CYS B 328 21.29 -25.46 -13.54
C CYS B 328 21.97 -26.56 -14.33
N SER B 329 22.51 -26.18 -15.50
CA SER B 329 23.11 -27.11 -16.44
C SER B 329 24.63 -27.05 -16.36
N CYS B 330 25.16 -25.94 -15.83
CA CYS B 330 26.56 -25.61 -15.98
C CYS B 330 27.39 -26.25 -14.87
N ARG B 331 26.74 -26.66 -13.77
CA ARG B 331 27.44 -27.31 -12.65
C ARG B 331 26.94 -28.73 -12.49
N LYS B 332 27.86 -29.65 -12.14
CA LYS B 332 27.49 -30.99 -11.72
C LYS B 332 26.91 -30.91 -10.32
N ASP B 333 26.10 -31.91 -9.95
CA ASP B 333 25.26 -31.81 -8.76
C ASP B 333 24.11 -30.84 -9.06
N ILE B 337 16.10 -33.69 -8.52
CA ILE B 337 14.88 -34.12 -7.77
C ILE B 337 13.96 -34.91 -8.70
N SER B 338 13.66 -36.15 -8.30
CA SER B 338 12.84 -37.08 -9.06
C SER B 338 11.42 -36.53 -9.21
N MET B 339 11.01 -36.24 -10.45
CA MET B 339 9.63 -35.91 -10.74
C MET B 339 8.85 -37.19 -11.00
N ASP B 340 9.57 -38.29 -11.28
CA ASP B 340 8.99 -39.52 -11.77
C ASP B 340 7.94 -40.01 -10.77
N VAL B 341 8.30 -39.95 -9.48
CA VAL B 341 7.38 -40.25 -8.40
C VAL B 341 6.08 -39.47 -8.60
N PHE B 342 6.19 -38.15 -8.80
CA PHE B 342 5.04 -37.25 -8.79
C PHE B 342 4.14 -37.44 -10.01
N VAL B 343 4.72 -37.66 -11.18
CA VAL B 343 3.96 -37.87 -12.40
C VAL B 343 3.25 -39.22 -12.31
N ARG B 344 3.96 -40.25 -11.81
CA ARG B 344 3.41 -41.58 -11.65
C ARG B 344 2.16 -41.52 -10.76
N LYS B 345 2.28 -40.86 -9.61
CA LYS B 345 1.26 -40.91 -8.57
C LYS B 345 0.11 -39.95 -8.88
N PHE B 346 0.42 -38.71 -9.29
CA PHE B 346 -0.60 -37.68 -9.39
C PHE B 346 -1.01 -37.39 -10.83
N GLN B 347 -0.22 -37.87 -11.80
CA GLN B 347 -0.55 -37.70 -13.21
C GLN B 347 -0.37 -39.02 -13.96
N PRO B 348 -0.94 -40.15 -13.49
CA PRO B 348 -0.65 -41.47 -14.08
C PRO B 348 -0.99 -41.56 -15.57
N GLU B 349 -2.00 -40.78 -15.99
CA GLU B 349 -2.46 -40.77 -17.37
C GLU B 349 -1.42 -40.17 -18.30
N ARG B 350 -0.56 -39.27 -17.78
CA ARG B 350 0.44 -38.57 -18.58
CA ARG B 350 0.44 -38.58 -18.59
C ARG B 350 1.84 -39.13 -18.32
N TYR B 351 1.93 -40.22 -17.54
CA TYR B 351 3.23 -40.78 -17.20
C TYR B 351 3.98 -41.16 -18.48
N LYS B 352 3.37 -42.02 -19.30
CA LYS B 352 4.01 -42.54 -20.50
C LYS B 352 4.37 -41.40 -21.44
N LEU B 353 3.43 -40.46 -21.63
CA LEU B 353 3.62 -39.34 -22.54
C LEU B 353 4.82 -38.51 -22.11
N TRP B 354 4.91 -38.24 -20.81
CA TRP B 354 5.98 -37.45 -20.22
C TRP B 354 7.32 -38.15 -20.38
N LYS B 355 7.36 -39.46 -20.13
CA LYS B 355 8.57 -40.25 -20.30
C LYS B 355 9.00 -40.22 -21.77
N ALA B 356 8.03 -40.29 -22.68
CA ALA B 356 8.27 -40.19 -24.10
C ALA B 356 8.64 -38.75 -24.48
N GLY B 357 8.41 -37.81 -23.54
CA GLY B 357 8.86 -36.44 -23.69
C GLY B 357 7.92 -35.63 -24.57
N LYS B 358 6.72 -36.16 -24.84
CA LYS B 358 5.78 -35.55 -25.75
C LYS B 358 4.63 -34.90 -24.96
N ASP B 359 4.86 -34.71 -23.65
CA ASP B 359 3.92 -33.97 -22.81
C ASP B 359 4.15 -32.48 -23.05
N ASN B 360 3.15 -31.81 -23.66
CA ASN B 360 3.26 -30.41 -24.06
C ASN B 360 2.28 -29.55 -23.26
N THR B 361 2.13 -29.85 -21.96
CA THR B 361 1.30 -29.04 -21.09
C THR B 361 1.85 -27.62 -21.05
N VAL B 362 0.95 -26.64 -21.01
CA VAL B 362 1.30 -25.24 -20.83
C VAL B 362 0.72 -24.79 -19.49
N ILE B 363 1.52 -24.08 -18.68
CA ILE B 363 1.07 -23.68 -17.35
C ILE B 363 0.33 -22.35 -17.45
N ASP B 364 -0.82 -22.28 -16.75
CA ASP B 364 -1.54 -21.03 -16.56
C ASP B 364 -1.41 -20.64 -15.10
N HIS B 365 -0.64 -19.57 -14.86
CA HIS B 365 -0.25 -19.15 -13.52
C HIS B 365 -1.43 -18.57 -12.74
N THR B 366 -2.48 -18.12 -13.45
CA THR B 366 -3.65 -17.55 -12.80
C THR B 366 -4.38 -18.62 -12.01
N LEU B 367 -4.25 -19.87 -12.44
CA LEU B 367 -5.02 -20.97 -11.89
C LEU B 367 -4.53 -21.26 -10.46
N PRO B 368 -5.44 -21.29 -9.46
CA PRO B 368 -5.10 -21.74 -8.11
C PRO B 368 -4.98 -23.26 -8.05
N THR B 369 -4.42 -23.76 -6.94
CA THR B 369 -4.15 -25.18 -6.79
C THR B 369 -5.49 -25.91 -6.75
N PRO B 370 -5.61 -27.11 -7.35
CA PRO B 370 -6.85 -27.89 -7.29
C PRO B 370 -7.53 -27.88 -5.92
N GLU B 371 -6.73 -27.92 -4.85
CA GLU B 371 -7.21 -28.06 -3.48
C GLU B 371 -8.05 -26.84 -3.06
N ALA B 372 -8.09 -25.81 -3.91
CA ALA B 372 -8.77 -24.56 -3.61
C ALA B 372 -10.26 -24.61 -4.00
N ALA B 373 -10.71 -25.72 -4.58
CA ALA B 373 -12.10 -25.92 -4.97
C ALA B 373 -13.03 -25.70 -3.77
N GLU B 374 -12.61 -26.27 -2.63
CA GLU B 374 -13.23 -26.05 -1.33
C GLU B 374 -13.58 -24.58 -1.14
N PHE B 375 -12.61 -23.69 -1.41
CA PHE B 375 -12.73 -22.26 -1.13
C PHE B 375 -13.14 -21.48 -2.38
NI NI C . -12.63 16.06 -0.44
ZN ZN D . -12.05 11.11 -16.58
NI NI E . 13.69 -17.67 -1.54
ZN ZN F . 24.34 -23.18 -13.56
#